data_4QN0
#
_entry.id   4QN0
#
_cell.length_a   67.550
_cell.length_b   122.442
_cell.length_c   73.522
_cell.angle_alpha   90.00
_cell.angle_beta   96.02
_cell.angle_gamma   90.00
#
_symmetry.space_group_name_H-M   'P 1 21 1'
#
loop_
_entity.id
_entity.type
_entity.pdbx_description
1 polymer 'Endonuclease G, mitochondrial'
2 non-polymer 'MAGNESIUM ION'
3 water water
#
_entity_poly.entity_id   1
_entity_poly.type   'polypeptide(L)'
_entity_poly.pdbx_seq_one_letter_code
;SRSAEIMKHGYPGFTNVRTYEDFVLSYDYKTRTAHWVCEHLTPERLKHAEGVDRKLCEFKPDITFPKKFLSQNTDYKCSG
FDRGHLAAAGNHRKSQLAVDQTFYLSNMSPQVGRGFNRDKWNDLEMHCRRVAKKMINSYIITGPLYLPKLEGDGKKYIKY
QVIGDNNVAVPTHFFKVALFEVTPGKFELESYILPNAVIEDTVEISKFHVPLDAVERSAGLEIFARLDPKSIVKENGAK
;
_entity_poly.pdbx_strand_id   A,B,C,D
#
loop_
_chem_comp.id
_chem_comp.type
_chem_comp.name
_chem_comp.formula
MG non-polymer 'MAGNESIUM ION' 'Mg 2'
#
# COMPACT_ATOMS: atom_id res chain seq x y z
N SER A 1 7.78 10.30 -16.56
CA SER A 1 8.75 11.39 -16.13
C SER A 1 9.99 10.87 -15.37
N ARG A 2 11.06 11.64 -15.45
CA ARG A 2 12.30 11.27 -14.80
C ARG A 2 12.18 11.34 -13.27
N SER A 3 11.48 12.36 -12.78
CA SER A 3 11.22 12.46 -11.35
C SER A 3 10.44 11.26 -10.75
N ALA A 4 9.42 10.77 -11.45
CA ALA A 4 8.65 9.64 -10.95
C ALA A 4 9.46 8.34 -10.99
N GLU A 5 10.44 8.33 -11.88
CA GLU A 5 11.31 7.21 -12.04
C GLU A 5 12.29 7.25 -10.86
N ILE A 6 12.58 8.44 -10.37
CA ILE A 6 13.51 8.57 -9.25
C ILE A 6 12.76 8.37 -7.94
N MET A 7 11.60 8.98 -7.84
CA MET A 7 10.89 8.97 -6.61
C MET A 7 9.96 7.77 -6.47
N LYS A 8 10.16 6.78 -7.35
CA LYS A 8 9.37 5.55 -7.38
C LYS A 8 9.10 4.92 -6.01
N HIS A 9 10.09 4.88 -5.12
CA HIS A 9 9.92 4.19 -3.86
C HIS A 9 9.58 5.09 -2.65
N GLY A 10 9.30 6.36 -2.92
CA GLY A 10 8.78 7.25 -1.90
C GLY A 10 9.46 8.61 -1.83
N TYR A 11 8.70 9.66 -1.56
CA TYR A 11 9.27 10.89 -1.15
C TYR A 11 9.50 10.80 0.35
N PRO A 12 10.72 11.08 0.80
CA PRO A 12 11.01 11.13 2.23
C PRO A 12 10.21 12.21 2.94
N GLY A 13 9.87 13.28 2.22
CA GLY A 13 9.09 14.38 2.74
C GLY A 13 8.64 15.19 1.54
N PHE A 14 7.86 16.24 1.77
CA PHE A 14 7.30 17.02 0.64
C PHE A 14 7.51 18.51 0.88
N THR A 15 8.62 18.85 1.56
CA THR A 15 8.96 20.26 1.83
C THR A 15 9.77 20.91 0.71
N ASN A 16 9.22 21.97 0.12
CA ASN A 16 9.95 22.74 -0.90
C ASN A 16 10.67 21.82 -1.86
N VAL A 17 9.95 20.97 -2.58
CA VAL A 17 10.57 19.98 -3.42
C VAL A 17 10.89 20.58 -4.76
N ARG A 18 12.10 20.30 -5.24
CA ARG A 18 12.56 20.81 -6.54
C ARG A 18 13.00 19.63 -7.38
N THR A 19 12.46 19.52 -8.58
CA THR A 19 12.88 18.44 -9.45
C THR A 19 13.87 18.94 -10.52
N TYR A 20 15.13 18.54 -10.39
CA TYR A 20 16.16 18.91 -11.34
C TYR A 20 16.14 17.93 -12.48
N GLU A 21 17.05 18.11 -13.43
CA GLU A 21 17.11 17.27 -14.61
C GLU A 21 17.37 15.82 -14.22
N ASP A 22 18.22 15.59 -13.24
CA ASP A 22 18.58 14.20 -12.91
C ASP A 22 18.53 13.81 -11.42
N PHE A 23 18.01 14.67 -10.57
CA PHE A 23 17.79 14.31 -9.16
C PHE A 23 16.71 15.22 -8.53
N VAL A 24 16.31 14.86 -7.32
CA VAL A 24 15.23 15.55 -6.67
C VAL A 24 15.77 16.04 -5.36
N LEU A 25 15.33 17.23 -4.94
CA LEU A 25 15.83 17.82 -3.72
C LEU A 25 14.73 18.42 -2.89
N SER A 26 14.81 18.26 -1.59
CA SER A 26 13.92 18.99 -0.68
C SER A 26 14.74 20.02 0.11
N TYR A 27 14.33 21.29 0.05
CA TYR A 27 15.10 22.37 0.59
C TYR A 27 14.53 22.88 1.90
N ASP A 28 15.42 23.17 2.86
CA ASP A 28 15.02 23.64 4.18
C ASP A 28 15.34 25.11 4.26
N TYR A 29 14.31 25.94 4.37
CA TYR A 29 14.47 27.38 4.37
C TYR A 29 15.19 27.85 5.66
N LYS A 30 15.22 27.01 6.69
CA LYS A 30 15.82 27.38 7.98
C LYS A 30 17.31 27.12 8.08
N THR A 31 17.72 25.91 7.71
CA THR A 31 19.10 25.54 7.76
C THR A 31 19.87 26.08 6.55
N ARG A 32 19.13 26.54 5.53
CA ARG A 32 19.72 27.01 4.26
C ARG A 32 20.44 25.89 3.45
N THR A 33 20.10 24.63 3.74
CA THR A 33 20.60 23.49 2.98
C THR A 33 19.45 22.49 2.75
N ALA A 34 19.74 21.30 2.23
CA ALA A 34 18.68 20.29 1.91
C ALA A 34 18.17 19.56 3.12
N HIS A 35 16.88 19.17 3.08
CA HIS A 35 16.34 18.19 4.00
C HIS A 35 16.88 16.85 3.55
N TRP A 36 16.74 16.58 2.25
CA TRP A 36 17.18 15.33 1.65
C TRP A 36 17.32 15.51 0.11
N VAL A 37 18.09 14.63 -0.52
CA VAL A 37 18.11 14.51 -1.98
C VAL A 37 17.99 13.04 -2.37
N CYS A 38 17.44 12.80 -3.56
CA CYS A 38 17.22 11.44 -4.01
C CYS A 38 17.75 11.27 -5.41
N GLU A 39 18.40 10.13 -5.65
CA GLU A 39 19.06 9.84 -6.95
C GLU A 39 18.73 8.47 -7.40
N HIS A 40 18.69 8.28 -8.73
CA HIS A 40 18.46 6.97 -9.31
C HIS A 40 19.55 6.66 -10.30
N LEU A 41 20.31 5.62 -10.04
CA LEU A 41 21.36 5.21 -10.97
C LEU A 41 21.12 3.83 -11.61
N THR A 42 21.53 3.70 -12.85
CA THR A 42 21.53 2.41 -13.51
C THR A 42 22.92 2.30 -14.07
N PRO A 43 23.39 1.08 -14.43
CA PRO A 43 24.74 0.99 -15.02
C PRO A 43 24.88 1.79 -16.31
N GLU A 44 23.82 1.84 -17.10
CA GLU A 44 23.82 2.66 -18.31
C GLU A 44 24.01 4.12 -17.99
N ARG A 45 23.37 4.59 -16.93
CA ARG A 45 23.44 6.00 -16.52
C ARG A 45 24.77 6.40 -15.90
N LEU A 46 25.57 5.40 -15.55
CA LEU A 46 26.89 5.69 -14.99
C LEU A 46 27.99 5.68 -16.04
N LYS A 47 27.63 6.00 -17.28
CA LYS A 47 28.56 6.05 -18.39
C LYS A 47 28.57 7.48 -18.96
N HIS A 48 29.76 8.05 -19.17
CA HIS A 48 29.86 9.49 -19.50
C HIS A 48 29.53 9.83 -20.95
N ALA A 49 28.99 11.03 -21.15
CA ALA A 49 28.71 11.54 -22.50
C ALA A 49 29.70 12.65 -22.90
N GLY A 51 30.66 14.91 -24.56
CA GLY A 51 31.36 16.16 -24.29
C GLY A 51 30.76 16.89 -23.07
N VAL A 52 30.86 16.26 -21.90
CA VAL A 52 30.32 16.80 -20.66
C VAL A 52 31.49 17.15 -19.76
N ASP A 53 31.53 18.36 -19.22
CA ASP A 53 32.66 18.83 -18.43
C ASP A 53 32.40 19.49 -17.07
N ARG A 54 32.79 18.79 -16.01
CA ARG A 54 32.69 19.29 -14.64
C ARG A 54 33.49 20.55 -14.35
N LYS A 55 34.51 20.82 -15.16
CA LYS A 55 35.32 22.04 -15.01
C LYS A 55 34.50 23.27 -15.37
N LEU A 56 33.42 23.07 -16.12
CA LEU A 56 32.61 24.20 -16.51
C LEU A 56 31.62 24.64 -15.43
N CYS A 57 31.39 23.77 -14.45
CA CYS A 57 30.34 23.96 -13.47
C CYS A 57 30.65 25.13 -12.56
N GLU A 58 29.61 25.82 -12.10
CA GLU A 58 29.81 27.00 -11.26
C GLU A 58 28.97 26.90 -10.01
N PHE A 59 29.56 27.05 -8.83
CA PHE A 59 28.76 27.09 -7.61
C PHE A 59 27.92 28.33 -7.64
N LYS A 60 26.62 28.16 -7.50
CA LYS A 60 25.67 29.26 -7.47
C LYS A 60 24.42 28.81 -6.76
N PRO A 61 23.59 29.76 -6.27
CA PRO A 61 22.31 29.40 -5.62
C PRO A 61 21.24 28.91 -6.60
N ASP A 62 20.24 28.20 -6.11
CA ASP A 62 19.08 27.87 -6.90
C ASP A 62 18.08 28.99 -6.67
N ILE A 63 17.97 29.89 -7.62
CA ILE A 63 17.13 31.07 -7.45
C ILE A 63 15.63 30.80 -7.54
N THR A 64 15.21 29.55 -7.72
CA THR A 64 13.77 29.24 -7.62
C THR A 64 13.27 29.36 -6.18
N PHE A 65 14.18 29.34 -5.20
CA PHE A 65 13.82 29.56 -3.77
C PHE A 65 13.87 31.04 -3.41
N PRO A 66 12.99 31.49 -2.49
CA PRO A 66 12.94 32.90 -2.15
C PRO A 66 14.30 33.42 -1.70
N LYS A 67 14.60 34.65 -2.10
CA LYS A 67 15.87 35.31 -1.82
C LYS A 67 16.31 35.23 -0.34
N LYS A 68 15.38 35.50 0.58
CA LYS A 68 15.71 35.46 2.01
C LYS A 68 16.11 34.06 2.58
N PHE A 69 15.89 33.00 1.81
CA PHE A 69 16.19 31.67 2.29
C PHE A 69 17.37 31.08 1.56
N LEU A 70 18.10 31.92 0.82
CA LEU A 70 19.26 31.44 0.03
C LEU A 70 20.60 31.40 0.78
N SER A 71 21.40 30.38 0.55
CA SER A 71 22.76 30.40 0.99
C SER A 71 23.45 31.05 -0.15
N GLN A 72 24.61 31.58 0.10
CA GLN A 72 25.38 32.22 -0.95
C GLN A 72 26.82 31.72 -0.83
N ASN A 73 27.59 31.75 -1.92
CA ASN A 73 29.01 31.37 -1.84
C ASN A 73 29.79 32.09 -0.71
N THR A 74 29.40 33.32 -0.36
CA THR A 74 30.11 34.04 0.70
C THR A 74 29.90 33.44 2.08
N ASP A 75 28.80 32.72 2.29
CA ASP A 75 28.57 32.06 3.57
C ASP A 75 29.61 30.95 3.81
N TYR A 76 30.11 30.37 2.74
CA TYR A 76 31.03 29.24 2.84
C TYR A 76 32.53 29.62 2.79
N LYS A 77 32.85 30.78 2.19
CA LYS A 77 34.22 31.35 2.12
C LYS A 77 34.90 31.59 3.46
N CYS A 78 36.06 30.96 3.65
CA CYS A 78 36.83 31.06 4.92
C CYS A 78 36.00 30.70 6.16
N SER A 79 35.18 29.69 6.03
CA SER A 79 34.34 29.25 7.14
C SER A 79 35.03 28.08 7.83
N GLY A 80 35.88 27.38 7.09
CA GLY A 80 36.49 26.14 7.52
C GLY A 80 35.76 24.95 6.91
N PHE A 81 34.75 25.21 6.07
CA PHE A 81 34.02 24.09 5.50
C PHE A 81 34.02 24.17 3.99
N ASP A 82 33.96 23.00 3.32
CA ASP A 82 33.72 22.97 1.88
C ASP A 82 32.24 23.07 1.59
N ARG A 83 31.92 23.52 0.38
CA ARG A 83 30.60 23.30 -0.18
C ARG A 83 30.55 21.86 -0.64
N GLY A 84 29.86 20.99 0.13
CA GLY A 84 29.85 19.56 -0.11
C GLY A 84 28.57 19.11 -0.74
N HIS A 85 28.67 18.48 -1.91
CA HIS A 85 27.49 18.11 -2.69
C HIS A 85 26.77 16.88 -2.16
N LEU A 86 25.48 17.00 -1.91
CA LEU A 86 24.73 15.87 -1.42
C LEU A 86 24.48 14.89 -2.55
N ALA A 87 23.91 15.37 -3.65
CA ALA A 87 23.77 14.56 -4.86
C ALA A 87 25.05 14.77 -5.62
N ALA A 88 25.91 13.77 -5.63
CA ALA A 88 27.28 13.89 -6.15
C ALA A 88 27.35 14.18 -7.65
N ALA A 89 28.32 15.00 -8.03
CA ALA A 89 28.56 15.31 -9.45
C ALA A 89 28.77 14.04 -10.25
N GLY A 90 29.52 13.10 -9.68
CA GLY A 90 29.89 11.89 -10.38
C GLY A 90 28.74 10.97 -10.75
N ASN A 91 27.54 11.27 -10.24
CA ASN A 91 26.41 10.39 -10.49
C ASN A 91 25.64 10.85 -11.69
N HIS A 92 25.99 12.02 -12.20
CA HIS A 92 25.17 12.71 -13.18
C HIS A 92 26.04 13.17 -14.31
N ARG A 93 26.14 12.32 -15.32
CA ARG A 93 27.14 12.43 -16.37
C ARG A 93 26.45 12.52 -17.76
N LYS A 94 25.13 12.51 -17.79
CA LYS A 94 24.38 12.40 -19.05
C LYS A 94 24.11 13.73 -19.77
N SER A 95 24.33 14.86 -19.10
CA SER A 95 24.25 16.16 -19.77
C SER A 95 24.98 17.23 -18.99
N GLN A 96 25.30 18.34 -19.63
CA GLN A 96 26.04 19.39 -18.95
C GLN A 96 25.16 20.02 -17.85
N LEU A 97 23.90 20.23 -18.18
CA LEU A 97 22.96 20.87 -17.27
C LEU A 97 22.69 20.02 -16.04
N ALA A 98 22.69 18.70 -16.23
CA ALA A 98 22.46 17.79 -15.15
C ALA A 98 23.53 17.96 -14.08
N VAL A 99 24.79 17.85 -14.49
CA VAL A 99 25.88 17.97 -13.57
C VAL A 99 26.00 19.44 -13.08
N ASP A 100 25.66 20.41 -13.93
CA ASP A 100 25.73 21.82 -13.49
C ASP A 100 24.90 22.01 -12.27
N GLN A 101 23.75 21.36 -12.25
CA GLN A 101 22.78 21.50 -11.17
C GLN A 101 23.24 20.89 -9.86
N THR A 102 24.16 19.94 -9.89
CA THR A 102 24.70 19.39 -8.66
C THR A 102 25.60 20.41 -7.98
N PHE A 103 25.77 21.59 -8.58
CA PHE A 103 26.61 22.63 -7.98
C PHE A 103 25.75 23.78 -7.52
N TYR A 104 24.43 23.58 -7.52
CA TYR A 104 23.50 24.50 -6.88
C TYR A 104 23.71 24.48 -5.39
N LEU A 105 23.65 25.63 -4.75
CA LEU A 105 23.91 25.69 -3.33
C LEU A 105 22.85 25.03 -2.46
N SER A 106 21.66 24.81 -3.01
CA SER A 106 20.64 23.98 -2.36
C SER A 106 21.07 22.52 -2.16
N ASN A 107 21.93 22.04 -3.05
CA ASN A 107 22.52 20.70 -2.93
C ASN A 107 23.85 20.71 -2.12
N MET A 108 24.20 21.85 -1.52
CA MET A 108 25.43 21.96 -0.73
C MET A 108 25.13 21.94 0.78
N SER A 109 25.96 21.25 1.56
CA SER A 109 25.98 21.46 3.01
C SER A 109 27.41 21.71 3.47
N PRO A 110 27.56 22.53 4.52
CA PRO A 110 28.88 22.75 5.11
C PRO A 110 29.52 21.42 5.55
N GLN A 111 30.61 21.03 4.90
CA GLN A 111 31.27 19.78 5.22
C GLN A 111 32.76 19.94 5.52
N VAL A 112 33.22 19.19 6.52
CA VAL A 112 34.65 19.09 6.79
C VAL A 112 35.29 18.50 5.52
N GLY A 113 36.31 19.19 5.00
CA GLY A 113 36.99 18.80 3.75
C GLY A 113 37.99 17.66 3.91
N ARG A 114 39.24 18.02 4.22
CA ARG A 114 40.27 17.02 4.53
C ARG A 114 39.79 16.06 5.64
N GLY A 115 39.60 14.80 5.29
CA GLY A 115 39.29 13.78 6.27
C GLY A 115 37.82 13.39 6.26
N PHE A 116 37.05 14.10 5.42
CA PHE A 116 35.65 13.77 5.26
C PHE A 116 35.20 13.94 3.83
N ASN A 117 34.74 15.13 3.46
CA ASN A 117 34.23 15.34 2.09
C ASN A 117 35.17 14.80 1.02
N ARG A 118 36.43 15.17 1.14
CA ARG A 118 37.42 14.88 0.13
C ARG A 118 37.95 13.47 0.31
N ASP A 119 37.50 12.77 1.36
CA ASP A 119 38.11 11.49 1.78
C ASP A 119 37.10 10.38 2.08
N LYS A 120 36.64 10.31 3.32
CA LYS A 120 35.84 9.21 3.75
C LYS A 120 34.42 9.28 3.17
N TRP A 121 33.84 10.48 3.11
CA TRP A 121 32.53 10.67 2.49
C TRP A 121 32.56 10.33 1.02
N ASN A 122 33.63 10.76 0.34
CA ASN A 122 33.83 10.44 -1.08
C ASN A 122 33.95 8.96 -1.28
N ASP A 123 34.60 8.29 -0.32
CA ASP A 123 34.69 6.83 -0.37
C ASP A 123 33.31 6.21 -0.39
N LEU A 124 32.41 6.74 0.44
CA LEU A 124 31.07 6.22 0.50
C LEU A 124 30.33 6.49 -0.81
N GLU A 125 30.61 7.61 -1.45
CA GLU A 125 30.01 7.90 -2.75
C GLU A 125 30.52 6.94 -3.80
N MET A 126 31.82 6.64 -3.74
CA MET A 126 32.43 5.76 -4.73
C MET A 126 31.94 4.33 -4.53
N HIS A 127 31.75 3.96 -3.27
CA HIS A 127 31.18 2.65 -2.96
C HIS A 127 29.84 2.47 -3.65
N CYS A 128 28.95 3.47 -3.54
CA CYS A 128 27.61 3.38 -4.07
C CYS A 128 27.58 3.24 -5.58
N ARG A 129 28.43 4.00 -6.30
CA ARG A 129 28.56 3.91 -7.74
C ARG A 129 29.07 2.54 -8.22
N ARG A 130 30.14 2.06 -7.58
CA ARG A 130 30.64 0.72 -7.80
C ARG A 130 29.55 -0.37 -7.55
N VAL A 131 28.79 -0.22 -6.47
CA VAL A 131 27.70 -1.18 -6.22
C VAL A 131 26.55 -1.01 -7.20
N ALA A 132 26.27 0.24 -7.59
CA ALA A 132 25.23 0.53 -8.55
C ALA A 132 25.46 -0.15 -9.90
N LYS A 133 26.72 -0.50 -10.19
CA LYS A 133 27.11 -1.18 -11.44
C LYS A 133 26.75 -2.66 -11.59
N LYS A 134 26.52 -3.34 -10.47
CA LYS A 134 26.12 -4.74 -10.50
C LYS A 134 24.62 -4.86 -10.24
N MET A 135 23.93 -3.73 -10.23
CA MET A 135 22.52 -3.79 -9.94
C MET A 135 21.65 -3.27 -11.09
N ILE A 136 20.41 -3.70 -11.12
CA ILE A 136 19.48 -3.27 -12.14
C ILE A 136 19.10 -1.80 -11.96
N ASN A 137 18.60 -1.49 -10.77
CA ASN A 137 18.34 -0.12 -10.37
C ASN A 137 18.97 0.18 -9.03
N SER A 138 19.31 1.45 -8.80
CA SER A 138 19.89 1.89 -7.53
C SER A 138 19.25 3.20 -7.14
N TYR A 139 18.85 3.32 -5.87
CA TYR A 139 18.27 4.55 -5.38
C TYR A 139 19.05 4.98 -4.14
N ILE A 140 19.41 6.26 -4.05
CA ILE A 140 20.18 6.79 -2.91
C ILE A 140 19.50 7.99 -2.28
N ILE A 141 19.27 7.96 -0.97
CA ILE A 141 18.80 9.16 -0.27
C ILE A 141 19.93 9.69 0.59
N THR A 142 20.24 10.97 0.46
CA THR A 142 21.30 11.65 1.22
C THR A 142 20.76 12.92 1.84
N GLY A 143 21.25 13.22 3.03
CA GLY A 143 20.81 14.42 3.77
C GLY A 143 21.55 14.63 5.06
N PRO A 144 21.45 15.83 5.62
CA PRO A 144 22.11 16.22 6.85
C PRO A 144 21.33 15.81 8.09
N LEU A 145 22.06 15.63 9.19
CA LEU A 145 21.50 15.30 10.50
C LEU A 145 22.03 16.29 11.51
N TYR A 146 21.20 16.54 12.51
CA TYR A 146 21.58 17.42 13.58
C TYR A 146 21.28 16.66 14.87
N LEU A 147 22.26 15.86 15.29
CA LEU A 147 22.05 14.84 16.32
C LEU A 147 22.32 15.30 17.74
N PRO A 148 21.48 14.84 18.68
CA PRO A 148 21.65 15.24 20.08
C PRO A 148 22.79 14.50 20.72
N LYS A 149 23.44 15.14 21.68
CA LYS A 149 24.49 14.57 22.50
C LYS A 149 24.10 14.67 23.99
N LEU A 150 24.46 13.65 24.77
CA LEU A 150 24.40 13.73 26.25
C LEU A 150 25.52 14.66 26.74
N GLU A 151 25.18 15.70 27.51
CA GLU A 151 26.23 16.57 28.09
C GLU A 151 26.44 16.30 29.57
N GLY A 152 27.38 17.03 30.17
CA GLY A 152 27.75 16.82 31.57
C GLY A 152 26.61 16.82 32.59
N ASP A 153 25.68 17.76 32.44
CA ASP A 153 24.61 17.96 33.42
C ASP A 153 23.52 16.92 33.36
N GLY A 154 23.74 15.89 32.52
CA GLY A 154 22.77 14.78 32.38
C GLY A 154 21.57 15.06 31.48
N LYS A 155 21.60 16.19 30.77
CA LYS A 155 20.58 16.51 29.79
C LYS A 155 21.12 16.37 28.36
N LYS A 156 20.22 16.27 27.38
CA LYS A 156 20.63 16.14 25.99
C LYS A 156 20.42 17.45 25.23
N TYR A 157 21.39 17.80 24.40
CA TYR A 157 21.36 19.03 23.63
C TYR A 157 21.80 18.75 22.20
N ILE A 158 21.07 19.33 21.26
CA ILE A 158 21.51 19.47 19.88
C ILE A 158 22.27 20.80 19.83
N LYS A 159 23.53 20.73 19.40
CA LYS A 159 24.33 21.93 19.17
C LYS A 159 24.97 21.82 17.80
N TYR A 160 24.82 22.87 16.99
CA TYR A 160 25.50 22.91 15.71
C TYR A 160 25.90 24.33 15.32
N GLN A 161 27.00 24.44 14.60
CA GLN A 161 27.42 25.74 14.11
C GLN A 161 26.51 26.28 12.98
N VAL A 162 26.36 27.59 12.93
CA VAL A 162 25.86 28.21 11.70
C VAL A 162 26.90 29.17 11.16
N ILE A 163 27.08 29.18 9.83
CA ILE A 163 28.13 30.00 9.22
C ILE A 163 27.59 31.05 8.28
N GLY A 164 28.32 32.17 8.17
CA GLY A 164 28.00 33.22 7.21
C GLY A 164 26.97 34.14 7.78
N ASP A 165 26.65 35.19 7.03
CA ASP A 165 25.59 36.10 7.41
C ASP A 165 24.24 35.42 7.29
N ASN A 166 24.15 34.46 6.38
CA ASN A 166 22.91 33.70 6.16
C ASN A 166 22.68 32.56 7.14
N ASN A 167 23.62 32.33 8.05
CA ASN A 167 23.50 31.28 9.06
C ASN A 167 23.15 29.93 8.45
N VAL A 168 23.98 29.45 7.54
CA VAL A 168 23.80 28.14 6.98
C VAL A 168 24.25 27.13 8.00
N ALA A 169 23.43 26.11 8.25
CA ALA A 169 23.73 25.22 9.36
C ALA A 169 24.88 24.27 9.03
N VAL A 170 25.74 24.00 10.00
CA VAL A 170 26.75 22.95 9.85
C VAL A 170 26.26 21.67 10.54
N PRO A 171 25.78 20.69 9.76
CA PRO A 171 25.28 19.40 10.26
C PRO A 171 26.33 18.71 11.10
N THR A 172 25.89 18.09 12.20
CA THR A 172 26.76 17.30 13.05
C THR A 172 27.10 15.99 12.35
N HIS A 173 26.14 15.47 11.56
CA HIS A 173 26.29 14.21 10.82
C HIS A 173 25.60 14.29 9.43
N PHE A 174 25.81 13.26 8.61
CA PHE A 174 25.08 13.08 7.36
C PHE A 174 24.63 11.65 7.31
N PHE A 175 23.44 11.38 6.73
CA PHE A 175 22.99 10.02 6.49
C PHE A 175 23.06 9.71 5.03
N LYS A 176 23.10 8.44 4.70
CA LYS A 176 22.98 8.01 3.32
C LYS A 176 22.38 6.61 3.32
N VAL A 177 21.23 6.49 2.66
CA VAL A 177 20.55 5.25 2.50
C VAL A 177 20.62 4.89 1.03
N ALA A 178 21.05 3.66 0.75
CA ALA A 178 21.16 3.19 -0.63
C ALA A 178 20.33 1.90 -0.80
N LEU A 179 19.54 1.86 -1.85
CA LEU A 179 18.69 0.71 -2.15
C LEU A 179 19.04 0.12 -3.53
N PHE A 180 19.61 -1.07 -3.52
CA PHE A 180 20.12 -1.65 -4.75
C PHE A 180 19.26 -2.81 -5.22
N GLU A 181 18.72 -2.75 -6.43
CA GLU A 181 17.89 -3.83 -6.98
C GLU A 181 18.74 -4.92 -7.61
N VAL A 182 18.88 -6.05 -6.92
CA VAL A 182 19.85 -7.07 -7.34
C VAL A 182 19.28 -8.05 -8.39
N THR A 183 18.02 -8.39 -8.23
CA THR A 183 17.28 -9.13 -9.26
C THR A 183 15.92 -8.49 -9.28
N PRO A 184 15.18 -8.67 -10.37
CA PRO A 184 13.88 -8.00 -10.46
C PRO A 184 13.00 -8.18 -9.22
N GLY A 185 12.71 -7.07 -8.55
CA GLY A 185 11.83 -7.08 -7.40
C GLY A 185 12.54 -7.27 -6.08
N LYS A 186 13.84 -7.56 -6.11
CA LYS A 186 14.56 -7.83 -4.87
C LYS A 186 15.78 -6.95 -4.64
N PHE A 187 15.89 -6.43 -3.42
CA PHE A 187 16.76 -5.30 -3.12
C PHE A 187 17.71 -5.55 -1.94
N GLU A 188 18.89 -4.94 -2.03
CA GLU A 188 19.82 -4.84 -0.92
C GLU A 188 19.74 -3.40 -0.39
N LEU A 189 19.72 -3.26 0.94
CA LEU A 189 19.58 -1.98 1.61
C LEU A 189 20.82 -1.73 2.45
N GLU A 190 21.37 -0.52 2.37
CA GLU A 190 22.52 -0.12 3.18
C GLU A 190 22.34 1.27 3.75
N SER A 191 22.36 1.37 5.08
CA SER A 191 22.15 2.67 5.77
C SER A 191 23.39 3.12 6.54
N TYR A 192 23.74 4.41 6.44
CA TYR A 192 24.94 4.93 7.05
C TYR A 192 24.65 6.23 7.73
N ILE A 193 25.30 6.46 8.85
CA ILE A 193 25.41 7.79 9.44
C ILE A 193 26.89 8.03 9.78
N LEU A 194 27.45 9.09 9.20
CA LEU A 194 28.84 9.45 9.36
C LEU A 194 28.87 10.85 9.95
N PRO A 195 29.83 11.10 10.86
CA PRO A 195 29.98 12.43 11.48
C PRO A 195 30.64 13.40 10.53
N ASN A 196 30.16 14.63 10.54
CA ASN A 196 30.74 15.68 9.77
C ASN A 196 31.97 16.11 10.48
N ALA A 197 33.05 15.36 10.28
CA ALA A 197 34.27 15.53 11.07
C ALA A 197 35.36 14.78 10.39
N VAL A 198 36.59 14.93 10.89
CA VAL A 198 37.71 14.22 10.29
C VAL A 198 37.59 12.75 10.63
N ILE A 199 37.61 11.91 9.63
CA ILE A 199 37.66 10.45 9.83
C ILE A 199 38.94 9.87 9.22
N GLU A 200 39.66 9.05 9.98
CA GLU A 200 40.92 8.45 9.53
C GLU A 200 40.67 7.47 8.40
N ASP A 201 41.45 7.59 7.31
CA ASP A 201 41.29 6.77 6.10
C ASP A 201 41.26 5.25 6.31
N THR A 202 41.60 4.82 7.52
CA THR A 202 41.68 3.39 7.83
C THR A 202 40.34 2.81 8.27
N VAL A 203 39.44 3.66 8.76
CA VAL A 203 38.12 3.21 9.21
C VAL A 203 37.28 2.76 8.00
N GLU A 204 36.68 1.58 8.10
CA GLU A 204 35.80 1.11 7.04
C GLU A 204 34.38 1.63 7.24
N ILE A 205 33.71 1.88 6.12
CA ILE A 205 32.40 2.50 6.12
C ILE A 205 31.34 1.66 6.85
N SER A 206 31.56 0.33 6.83
CA SER A 206 30.64 -0.60 7.50
C SER A 206 30.47 -0.26 8.96
N LYS A 207 31.45 0.45 9.52
CA LYS A 207 31.39 0.78 10.94
C LYS A 207 30.33 1.83 11.24
N PHE A 208 29.88 2.51 10.19
CA PHE A 208 28.91 3.58 10.37
C PHE A 208 27.52 3.08 9.99
N HIS A 209 27.41 1.77 9.77
CA HIS A 209 26.13 1.15 9.53
C HIS A 209 25.20 1.48 10.69
N VAL A 210 23.95 1.79 10.36
CA VAL A 210 22.92 1.96 11.36
C VAL A 210 21.67 1.34 10.77
N PRO A 211 20.68 1.06 11.61
CA PRO A 211 19.40 0.60 11.02
C PRO A 211 18.72 1.73 10.22
N LEU A 212 17.87 1.37 9.27
CA LEU A 212 17.09 2.38 8.56
C LEU A 212 16.15 3.12 9.51
N ASP A 213 15.75 2.47 10.59
CA ASP A 213 14.85 3.07 11.59
C ASP A 213 15.52 4.26 12.29
N ALA A 214 16.83 4.17 12.49
CA ALA A 214 17.56 5.26 13.15
C ALA A 214 17.67 6.53 12.27
N VAL A 215 17.92 6.35 10.96
CA VAL A 215 17.87 7.45 10.02
C VAL A 215 16.50 8.12 9.97
N GLU A 216 15.45 7.32 9.92
CA GLU A 216 14.12 7.88 9.85
C GLU A 216 13.80 8.75 11.06
N ARG A 217 14.20 8.30 12.26
CA ARG A 217 13.91 9.00 13.54
C ARG A 217 14.75 10.25 13.75
N SER A 218 16.02 10.18 13.40
CA SER A 218 16.90 11.29 13.57
C SER A 218 16.62 12.38 12.56
N ALA A 219 16.22 11.96 11.35
CA ALA A 219 16.07 12.86 10.22
C ALA A 219 14.67 13.46 10.13
N GLY A 220 13.69 12.80 10.74
CA GLY A 220 12.30 13.17 10.61
C GLY A 220 11.81 12.86 9.21
N LEU A 221 12.17 11.67 8.70
CA LEU A 221 11.87 11.32 7.32
C LEU A 221 11.36 9.89 7.21
N GLU A 222 10.52 9.65 6.18
CA GLU A 222 10.02 8.31 5.83
C GLU A 222 10.73 7.80 4.60
N ILE A 223 11.66 6.89 4.78
CA ILE A 223 12.54 6.52 3.72
C ILE A 223 12.12 5.17 3.05
N PHE A 224 11.98 5.22 1.71
CA PHE A 224 11.59 4.08 0.88
C PHE A 224 10.27 3.49 1.39
N ALA A 225 9.34 4.38 1.69
CA ALA A 225 8.07 4.03 2.33
C ALA A 225 7.18 3.14 1.47
N ARG A 226 7.34 3.25 0.15
CA ARG A 226 6.51 2.56 -0.82
C ARG A 226 7.08 1.22 -1.28
N LEU A 227 8.12 0.74 -0.60
CA LEU A 227 8.72 -0.53 -0.93
C LEU A 227 8.34 -1.56 0.11
N ASP A 228 7.94 -2.73 -0.34
CA ASP A 228 7.54 -3.79 0.59
C ASP A 228 8.77 -4.33 1.25
N PRO A 229 8.77 -4.40 2.60
CA PRO A 229 9.96 -4.77 3.38
C PRO A 229 10.43 -6.18 3.09
N LYS A 230 9.49 -7.06 2.70
CA LYS A 230 9.83 -8.41 2.26
C LYS A 230 10.68 -8.44 1.00
N SER A 231 10.63 -7.40 0.17
CA SER A 231 11.47 -7.35 -1.04
C SER A 231 12.94 -7.06 -0.71
N ILE A 232 13.19 -6.72 0.54
CA ILE A 232 14.53 -6.44 0.98
C ILE A 232 15.11 -7.74 1.46
N VAL A 233 16.18 -8.18 0.81
CA VAL A 233 16.79 -9.48 1.10
C VAL A 233 18.11 -9.33 1.86
N LYS A 234 18.47 -8.09 2.19
CA LYS A 234 19.78 -7.84 2.77
C LYS A 234 19.85 -6.43 3.32
N GLU A 235 19.92 -6.31 4.65
CA GLU A 235 20.05 -5.00 5.30
C GLU A 235 21.44 -4.89 5.90
N ASN A 236 22.24 -3.97 5.38
CA ASN A 236 23.58 -3.69 5.91
C ASN A 236 24.49 -4.91 5.90
N GLY A 237 24.33 -5.79 4.92
CA GLY A 237 25.25 -6.92 4.76
C GLY A 237 24.74 -8.20 5.39
N ALA A 238 23.61 -8.13 6.08
CA ALA A 238 22.97 -9.26 6.76
C ALA A 238 21.77 -9.85 5.98
N LYS A 239 21.42 -11.10 6.29
CA LYS A 239 20.33 -11.88 5.62
C LYS A 239 20.68 -12.19 4.18
N SER B 1 1.18 -12.73 11.44
CA SER B 1 1.30 -11.62 12.42
C SER B 1 0.07 -10.71 12.30
N ARG B 2 0.16 -9.67 11.48
CA ARG B 2 -1.02 -8.91 11.04
C ARG B 2 -2.03 -9.83 10.32
N SER B 3 -1.52 -10.79 9.55
CA SER B 3 -2.35 -11.72 8.78
C SER B 3 -3.30 -12.54 9.67
N ALA B 4 -2.80 -12.98 10.82
CA ALA B 4 -3.62 -13.73 11.77
C ALA B 4 -4.71 -12.84 12.39
N GLU B 5 -4.38 -11.59 12.70
CA GLU B 5 -5.34 -10.64 13.23
C GLU B 5 -6.50 -10.46 12.25
N ILE B 6 -6.19 -10.53 10.94
CA ILE B 6 -7.18 -10.25 9.87
C ILE B 6 -8.08 -11.47 9.64
N MET B 7 -7.48 -12.65 9.76
CA MET B 7 -8.15 -13.90 9.42
C MET B 7 -8.64 -14.60 10.67
N LYS B 8 -8.83 -13.84 11.74
CA LYS B 8 -9.22 -14.38 13.04
C LYS B 8 -10.42 -15.30 12.95
N HIS B 9 -11.38 -14.93 12.12
CA HIS B 9 -12.66 -15.62 12.12
C HIS B 9 -12.78 -16.64 11.00
N GLY B 10 -11.67 -16.89 10.32
CA GLY B 10 -11.53 -18.03 9.44
C GLY B 10 -11.21 -17.67 8.00
N TYR B 11 -10.61 -18.61 7.27
CA TYR B 11 -10.34 -18.47 5.84
C TYR B 11 -11.47 -18.93 4.96
N PRO B 12 -11.99 -18.02 4.12
CA PRO B 12 -13.05 -18.45 3.18
C PRO B 12 -12.58 -19.58 2.26
N GLY B 13 -11.30 -19.56 1.90
CA GLY B 13 -10.63 -20.71 1.28
C GLY B 13 -9.11 -20.56 1.43
N PHE B 14 -8.35 -21.29 0.62
CA PHE B 14 -6.89 -21.29 0.79
C PHE B 14 -6.13 -21.23 -0.52
N THR B 15 -6.81 -20.83 -1.59
CA THR B 15 -6.24 -20.85 -2.94
C THR B 15 -5.47 -19.56 -3.24
N ASN B 16 -4.20 -19.71 -3.61
CA ASN B 16 -3.38 -18.55 -3.98
C ASN B 16 -3.47 -17.32 -3.05
N VAL B 17 -3.18 -17.53 -1.78
CA VAL B 17 -3.33 -16.47 -0.79
C VAL B 17 -2.09 -15.53 -0.76
N ARG B 18 -2.35 -14.23 -0.68
CA ARG B 18 -1.31 -13.25 -0.48
C ARG B 18 -1.72 -12.40 0.69
N THR B 19 -0.79 -12.12 1.59
CA THR B 19 -1.13 -11.27 2.68
C THR B 19 -0.43 -9.97 2.41
N TYR B 20 -1.21 -8.90 2.27
CA TYR B 20 -0.67 -7.60 2.03
C TYR B 20 -0.68 -6.91 3.37
N GLU B 21 -0.35 -5.62 3.36
CA GLU B 21 -0.17 -4.86 4.57
C GLU B 21 -1.39 -4.92 5.46
N ASP B 22 -2.54 -4.49 4.95
CA ASP B 22 -3.72 -4.49 5.78
C ASP B 22 -4.90 -5.41 5.36
N PHE B 23 -4.68 -6.26 4.36
CA PHE B 23 -5.69 -7.23 3.94
C PHE B 23 -5.08 -8.52 3.44
N VAL B 24 -5.94 -9.52 3.27
CA VAL B 24 -5.53 -10.80 2.74
C VAL B 24 -6.39 -11.08 1.52
N LEU B 25 -5.79 -11.70 0.50
CA LEU B 25 -6.42 -11.90 -0.78
C LEU B 25 -6.22 -13.30 -1.26
N SER B 26 -7.20 -13.79 -1.98
CA SER B 26 -7.09 -15.06 -2.70
C SER B 26 -7.29 -14.84 -4.21
N TYR B 27 -6.35 -15.36 -4.99
CA TYR B 27 -6.36 -15.06 -6.42
C TYR B 27 -6.89 -16.24 -7.23
N ASP B 28 -7.63 -15.93 -8.28
CA ASP B 28 -8.16 -16.92 -9.17
C ASP B 28 -7.41 -16.85 -10.51
N TYR B 29 -6.60 -17.87 -10.80
CA TYR B 29 -5.85 -17.96 -12.02
C TYR B 29 -6.76 -18.09 -13.22
N LYS B 30 -7.98 -18.54 -13.01
CA LYS B 30 -8.93 -18.76 -14.08
C LYS B 30 -9.63 -17.46 -14.49
N THR B 31 -10.22 -16.77 -13.51
CA THR B 31 -10.99 -15.58 -13.81
C THR B 31 -10.09 -14.36 -13.95
N ARG B 32 -8.83 -14.52 -13.55
CA ARG B 32 -7.86 -13.42 -13.57
C ARG B 32 -8.27 -12.26 -12.60
N THR B 33 -9.03 -12.60 -11.55
CA THR B 33 -9.36 -11.71 -10.47
C THR B 33 -9.49 -12.52 -9.18
N ALA B 34 -9.91 -11.87 -8.11
CA ALA B 34 -9.85 -12.55 -6.83
C ALA B 34 -11.05 -13.46 -6.62
N HIS B 35 -10.87 -14.49 -5.78
CA HIS B 35 -11.96 -15.25 -5.22
C HIS B 35 -12.57 -14.40 -4.10
N TRP B 36 -11.72 -13.83 -3.25
CA TRP B 36 -12.20 -13.09 -2.08
C TRP B 36 -11.10 -12.20 -1.52
N VAL B 37 -11.49 -11.17 -0.79
CA VAL B 37 -10.54 -10.46 0.03
C VAL B 37 -11.12 -10.27 1.41
N CYS B 38 -10.26 -10.28 2.42
CA CYS B 38 -10.67 -10.05 3.81
C CYS B 38 -9.89 -8.92 4.47
N GLU B 39 -10.60 -8.05 5.15
CA GLU B 39 -10.03 -6.85 5.71
C GLU B 39 -10.42 -6.77 7.16
N HIS B 40 -9.53 -6.20 7.96
CA HIS B 40 -9.81 -5.93 9.34
C HIS B 40 -9.75 -4.43 9.55
N LEU B 41 -10.80 -3.84 10.05
CA LEU B 41 -10.78 -2.43 10.35
C LEU B 41 -10.89 -2.12 11.84
N THR B 42 -10.16 -1.11 12.32
CA THR B 42 -10.51 -0.48 13.62
C THR B 42 -10.70 0.99 13.37
N PRO B 43 -11.30 1.74 14.32
CA PRO B 43 -11.41 3.20 14.12
C PRO B 43 -10.04 3.88 13.96
N GLU B 44 -9.05 3.26 14.59
CA GLU B 44 -7.70 3.74 14.64
C GLU B 44 -7.05 3.61 13.28
N ARG B 45 -7.36 2.54 12.55
CA ARG B 45 -6.69 2.29 11.28
C ARG B 45 -7.45 2.93 10.15
N LEU B 46 -8.67 3.37 10.41
CA LEU B 46 -9.41 4.14 9.42
C LEU B 46 -9.05 5.63 9.47
N LYS B 47 -7.98 5.94 10.19
CA LYS B 47 -7.52 7.33 10.33
C LYS B 47 -6.56 7.61 9.20
N HIS B 48 -6.76 8.72 8.51
CA HIS B 48 -5.97 9.06 7.33
C HIS B 48 -4.63 9.57 7.81
N ALA B 49 -3.54 8.88 7.44
CA ALA B 49 -2.20 9.29 7.92
C ALA B 49 -1.66 10.44 7.09
N GLU B 50 -0.60 11.10 7.58
CA GLU B 50 -0.05 12.26 6.87
C GLU B 50 0.85 11.83 5.77
N GLY B 51 0.63 12.42 4.61
CA GLY B 51 1.44 12.14 3.43
C GLY B 51 1.02 10.87 2.73
N VAL B 52 -0.23 10.49 2.92
CA VAL B 52 -0.77 9.32 2.23
C VAL B 52 -1.68 9.83 1.18
N ASP B 53 -1.40 9.44 -0.05
CA ASP B 53 -2.17 9.93 -1.20
C ASP B 53 -2.50 8.81 -2.18
N ARG B 54 -3.80 8.52 -2.31
CA ARG B 54 -4.35 7.59 -3.33
C ARG B 54 -3.90 7.99 -4.72
N LYS B 55 -3.68 9.28 -4.94
CA LYS B 55 -3.25 9.76 -6.25
C LYS B 55 -1.85 9.31 -6.64
N LEU B 56 -1.02 8.97 -5.67
CA LEU B 56 0.29 8.50 -6.04
C LEU B 56 0.20 7.05 -6.55
N CYS B 57 -0.93 6.41 -6.30
CA CYS B 57 -1.02 4.96 -6.47
C CYS B 57 -1.04 4.56 -7.94
N GLU B 58 -0.38 3.46 -8.26
CA GLU B 58 -0.40 2.93 -9.62
C GLU B 58 -1.22 1.62 -9.66
N PHE B 59 -2.06 1.48 -10.68
CA PHE B 59 -2.65 0.22 -11.04
C PHE B 59 -1.56 -0.67 -11.59
N LYS B 60 -1.22 -1.75 -10.90
CA LYS B 60 -0.23 -2.68 -11.45
C LYS B 60 -0.49 -4.09 -10.97
N PRO B 61 0.00 -5.11 -11.70
CA PRO B 61 -0.18 -6.51 -11.26
C PRO B 61 0.76 -6.86 -10.15
N ASP B 62 0.35 -7.80 -9.29
CA ASP B 62 1.20 -8.36 -8.27
C ASP B 62 2.04 -9.43 -8.95
N ILE B 63 3.30 -9.13 -9.23
CA ILE B 63 4.15 -10.06 -9.99
C ILE B 63 4.62 -11.29 -9.21
N THR B 64 4.15 -11.45 -7.98
CA THR B 64 4.42 -12.71 -7.24
C THR B 64 3.57 -13.85 -7.75
N PHE B 65 2.69 -13.58 -8.72
CA PHE B 65 1.88 -14.62 -9.33
C PHE B 65 2.45 -14.90 -10.66
N PRO B 66 2.20 -16.11 -11.20
CA PRO B 66 2.74 -16.41 -12.52
C PRO B 66 2.15 -15.48 -13.61
N LYS B 67 2.99 -15.00 -14.52
CA LYS B 67 2.62 -13.94 -15.49
C LYS B 67 1.54 -14.40 -16.44
N LYS B 68 1.41 -15.71 -16.63
CA LYS B 68 0.41 -16.22 -17.57
C LYS B 68 -1.00 -16.14 -16.96
N PHE B 69 -1.05 -15.95 -15.63
CA PHE B 69 -2.32 -15.83 -14.92
C PHE B 69 -2.63 -14.38 -14.48
N LEU B 70 -1.85 -13.44 -14.99
CA LEU B 70 -2.00 -12.07 -14.64
C LEU B 70 -2.98 -11.30 -15.52
N SER B 71 -3.76 -10.44 -14.90
CA SER B 71 -4.53 -9.46 -15.62
C SER B 71 -3.60 -8.26 -15.80
N GLN B 72 -3.91 -7.42 -16.77
CA GLN B 72 -3.02 -6.33 -17.11
C GLN B 72 -3.86 -5.06 -17.43
N ASN B 73 -3.26 -3.87 -17.25
CA ASN B 73 -3.98 -2.64 -17.59
C ASN B 73 -4.56 -2.61 -19.03
N THR B 74 -3.88 -3.24 -19.97
CA THR B 74 -4.32 -3.38 -21.34
C THR B 74 -5.63 -4.11 -21.38
N ASP B 75 -5.81 -5.13 -20.52
CA ASP B 75 -7.09 -5.83 -20.40
C ASP B 75 -8.26 -4.90 -20.07
N TYR B 76 -8.04 -3.96 -19.16
CA TYR B 76 -9.10 -3.05 -18.72
C TYR B 76 -9.27 -1.85 -19.63
N LYS B 77 -8.18 -1.43 -20.30
CA LYS B 77 -8.22 -0.21 -21.17
C LYS B 77 -9.33 -0.23 -22.20
N CYS B 78 -10.18 0.79 -22.15
CA CYS B 78 -11.30 0.92 -23.08
C CYS B 78 -12.16 -0.33 -23.18
N SER B 79 -12.36 -0.98 -22.05
CA SER B 79 -13.12 -2.22 -22.00
C SER B 79 -14.54 -1.94 -21.73
N GLY B 80 -14.84 -0.71 -21.30
CA GLY B 80 -16.18 -0.29 -20.88
C GLY B 80 -16.31 -0.50 -19.37
N PHE B 81 -15.27 -1.02 -18.70
CA PHE B 81 -15.37 -1.30 -17.26
C PHE B 81 -14.26 -0.60 -16.43
N ASP B 82 -14.60 -0.23 -15.20
CA ASP B 82 -13.65 0.31 -14.24
C ASP B 82 -12.77 -0.77 -13.64
N ARG B 83 -11.55 -0.42 -13.24
CA ARG B 83 -10.81 -1.33 -12.35
C ARG B 83 -11.32 -1.09 -10.93
N GLY B 84 -12.21 -1.95 -10.45
CA GLY B 84 -12.86 -1.76 -9.15
C GLY B 84 -12.21 -2.57 -8.07
N HIS B 85 -11.65 -1.86 -7.11
CA HIS B 85 -10.94 -2.50 -6.00
C HIS B 85 -11.91 -3.17 -5.02
N LEU B 86 -11.59 -4.42 -4.69
CA LEU B 86 -12.36 -5.18 -3.72
C LEU B 86 -12.02 -4.75 -2.30
N ALA B 87 -10.74 -4.69 -1.98
CA ALA B 87 -10.32 -4.06 -0.73
C ALA B 87 -10.19 -2.60 -1.08
N ALA B 88 -10.96 -1.75 -0.43
CA ALA B 88 -11.11 -0.39 -0.86
C ALA B 88 -9.91 0.44 -0.46
N ALA B 89 -9.50 1.33 -1.37
CA ALA B 89 -8.42 2.28 -1.08
C ALA B 89 -8.69 3.08 0.20
N GLY B 90 -9.96 3.46 0.38
CA GLY B 90 -10.38 4.23 1.54
C GLY B 90 -10.36 3.44 2.85
N ASN B 91 -10.11 2.14 2.79
CA ASN B 91 -10.02 1.35 3.99
C ASN B 91 -8.59 1.26 4.50
N HIS B 92 -7.64 1.77 3.71
CA HIS B 92 -6.22 1.59 4.02
C HIS B 92 -5.38 2.83 3.92
N ARG B 93 -5.56 3.72 4.87
CA ARG B 93 -5.12 5.10 4.78
C ARG B 93 -3.94 5.31 5.74
N LYS B 94 -3.51 4.22 6.36
CA LYS B 94 -2.54 4.20 7.44
C LYS B 94 -1.12 4.41 6.99
N SER B 95 -0.83 4.03 5.75
CA SER B 95 0.50 4.17 5.19
C SER B 95 0.38 4.31 3.67
N GLN B 96 1.45 4.76 3.03
CA GLN B 96 1.43 4.86 1.58
C GLN B 96 1.51 3.47 0.95
N LEU B 97 2.19 2.52 1.59
CA LEU B 97 2.23 1.12 1.14
C LEU B 97 0.87 0.43 1.23
N ALA B 98 0.13 0.68 2.28
CA ALA B 98 -1.15 0.04 2.46
C ALA B 98 -2.09 0.38 1.32
N VAL B 99 -2.23 1.67 1.05
CA VAL B 99 -3.13 2.10 0.02
C VAL B 99 -2.59 1.72 -1.36
N ASP B 100 -1.28 1.71 -1.55
CA ASP B 100 -0.67 1.30 -2.83
C ASP B 100 -1.09 -0.14 -3.21
N GLN B 101 -1.09 -1.03 -2.23
CA GLN B 101 -1.43 -2.43 -2.47
C GLN B 101 -2.91 -2.70 -2.83
N THR B 102 -3.81 -1.78 -2.48
CA THR B 102 -5.18 -1.89 -2.90
C THR B 102 -5.24 -1.66 -4.41
N PHE B 103 -4.15 -1.18 -5.00
CA PHE B 103 -4.17 -0.92 -6.45
C PHE B 103 -3.54 -2.03 -7.25
N TYR B 104 -3.17 -3.12 -6.58
CA TYR B 104 -2.77 -4.34 -7.27
C TYR B 104 -3.91 -4.85 -8.14
N LEU B 105 -3.64 -5.31 -9.35
CA LEU B 105 -4.73 -5.79 -10.22
C LEU B 105 -5.33 -7.11 -9.70
N SER B 106 -4.64 -7.77 -8.79
CA SER B 106 -5.17 -8.95 -8.19
C SER B 106 -6.31 -8.59 -7.28
N ASN B 107 -6.41 -7.32 -6.90
CA ASN B 107 -7.48 -6.81 -6.02
C ASN B 107 -8.55 -6.11 -6.86
N MET B 108 -8.45 -6.31 -8.18
CA MET B 108 -9.34 -5.60 -9.10
C MET B 108 -10.33 -6.55 -9.76
N SER B 109 -11.59 -6.12 -9.86
CA SER B 109 -12.53 -6.78 -10.80
C SER B 109 -13.09 -5.76 -11.79
N PRO B 110 -13.36 -6.19 -13.03
CA PRO B 110 -14.09 -5.38 -13.97
C PRO B 110 -15.47 -5.00 -13.41
N GLN B 111 -15.68 -3.73 -13.07
CA GLN B 111 -17.00 -3.33 -12.56
C GLN B 111 -17.61 -2.26 -13.42
N VAL B 112 -18.93 -2.21 -13.46
CA VAL B 112 -19.60 -1.11 -14.08
C VAL B 112 -19.24 0.10 -13.23
N GLY B 113 -18.79 1.17 -13.86
CA GLY B 113 -18.36 2.32 -13.10
C GLY B 113 -19.43 3.29 -12.70
N ARG B 114 -19.93 4.08 -13.64
CA ARG B 114 -21.03 5.00 -13.34
C ARG B 114 -22.27 4.20 -13.09
N GLY B 115 -22.84 4.41 -11.90
CA GLY B 115 -24.10 3.74 -11.49
C GLY B 115 -23.81 2.55 -10.60
N PHE B 116 -22.53 2.20 -10.44
CA PHE B 116 -22.13 1.08 -9.61
C PHE B 116 -20.82 1.34 -8.85
N ASN B 117 -19.67 1.08 -9.47
CA ASN B 117 -18.40 1.27 -8.79
C ASN B 117 -18.30 2.63 -8.15
N ARG B 118 -18.63 3.65 -8.90
CA ARG B 118 -18.42 5.01 -8.45
C ARG B 118 -19.57 5.47 -7.57
N ASP B 119 -20.64 4.67 -7.51
CA ASP B 119 -21.87 5.18 -6.94
C ASP B 119 -22.47 4.30 -5.85
N LYS B 120 -23.29 3.32 -6.21
CA LYS B 120 -24.01 2.53 -5.24
C LYS B 120 -23.07 1.60 -4.48
N TRP B 121 -22.15 0.97 -5.22
CA TRP B 121 -21.20 0.10 -4.60
C TRP B 121 -20.35 0.91 -3.69
N ASN B 122 -20.09 2.16 -4.05
CA ASN B 122 -19.20 2.96 -3.22
C ASN B 122 -19.99 3.32 -1.97
N ASP B 123 -21.31 3.43 -2.12
CA ASP B 123 -22.17 3.81 -1.01
C ASP B 123 -22.10 2.73 0.02
N LEU B 124 -22.13 1.48 -0.44
CA LEU B 124 -21.96 0.34 0.44
C LEU B 124 -20.61 0.36 1.18
N GLU B 125 -19.53 0.73 0.49
CA GLU B 125 -18.21 0.83 1.15
C GLU B 125 -18.22 1.90 2.21
N MET B 126 -18.77 3.06 1.86
CA MET B 126 -18.91 4.14 2.84
C MET B 126 -19.78 3.75 4.04
N HIS B 127 -20.87 3.04 3.77
CA HIS B 127 -21.67 2.53 4.87
C HIS B 127 -20.79 1.69 5.83
N CYS B 128 -19.93 0.85 5.31
CA CYS B 128 -19.23 -0.04 6.17
C CYS B 128 -18.20 0.70 7.02
N ARG B 129 -17.57 1.74 6.49
CA ARG B 129 -16.61 2.52 7.29
C ARG B 129 -17.30 3.32 8.34
N ARG B 130 -18.47 3.87 7.99
CA ARG B 130 -19.24 4.69 8.92
C ARG B 130 -19.50 3.88 10.18
N VAL B 131 -19.91 2.63 10.00
CA VAL B 131 -20.23 1.76 11.08
C VAL B 131 -18.94 1.35 11.82
N ALA B 132 -17.91 0.98 11.07
CA ALA B 132 -16.66 0.46 11.65
C ALA B 132 -16.04 1.43 12.66
N LYS B 133 -16.34 2.71 12.46
CA LYS B 133 -15.81 3.77 13.28
C LYS B 133 -16.34 3.77 14.69
N LYS B 134 -17.52 3.17 14.86
CA LYS B 134 -18.13 3.02 16.16
C LYS B 134 -17.94 1.59 16.72
N MET B 135 -17.22 0.73 16.01
CA MET B 135 -16.99 -0.63 16.49
C MET B 135 -15.57 -0.84 17.01
N ILE B 136 -15.36 -1.89 17.79
CA ILE B 136 -14.02 -2.19 18.30
C ILE B 136 -13.18 -2.84 17.20
N ASN B 137 -13.80 -3.73 16.44
CA ASN B 137 -13.18 -4.37 15.28
C ASN B 137 -14.25 -4.56 14.24
N SER B 138 -13.86 -4.61 12.97
CA SER B 138 -14.76 -4.98 11.88
C SER B 138 -14.01 -5.83 10.90
N TYR B 139 -14.72 -6.77 10.33
CA TYR B 139 -14.12 -7.68 9.35
C TYR B 139 -14.99 -7.72 8.10
N ILE B 140 -14.40 -7.51 6.92
CA ILE B 140 -15.17 -7.49 5.69
C ILE B 140 -14.62 -8.51 4.73
N ILE B 141 -15.49 -9.38 4.24
CA ILE B 141 -15.14 -10.24 3.09
C ILE B 141 -15.86 -9.70 1.87
N THR B 142 -15.12 -9.51 0.79
CA THR B 142 -15.72 -9.05 -0.46
C THR B 142 -15.26 -9.92 -1.57
N GLY B 143 -16.10 -10.17 -2.54
CA GLY B 143 -15.68 -10.97 -3.67
C GLY B 143 -16.66 -10.99 -4.81
N PRO B 144 -16.22 -11.48 -5.98
CA PRO B 144 -17.05 -11.49 -7.19
C PRO B 144 -17.94 -12.71 -7.25
N LEU B 145 -19.03 -12.61 -7.98
CA LEU B 145 -19.97 -13.71 -8.10
C LEU B 145 -20.36 -13.89 -9.55
N TYR B 146 -20.58 -15.15 -9.95
CA TYR B 146 -20.97 -15.51 -11.30
C TYR B 146 -22.25 -16.32 -11.25
N LEU B 147 -23.37 -15.63 -11.24
CA LEU B 147 -24.68 -16.23 -10.95
C LEU B 147 -25.52 -16.66 -12.19
N PRO B 148 -26.29 -17.76 -12.05
CA PRO B 148 -27.15 -18.27 -13.13
C PRO B 148 -28.39 -17.43 -13.32
N LYS B 149 -28.91 -17.41 -14.53
CA LYS B 149 -30.21 -16.82 -14.88
C LYS B 149 -31.03 -17.87 -15.61
N LEU B 150 -32.33 -17.88 -15.29
CA LEU B 150 -33.30 -18.70 -15.99
C LEU B 150 -33.62 -17.98 -17.29
N GLU B 151 -33.40 -18.65 -18.42
CA GLU B 151 -33.71 -18.07 -19.72
C GLU B 151 -35.00 -18.63 -20.36
N GLY B 152 -35.25 -18.25 -21.63
CA GLY B 152 -36.51 -18.51 -22.34
C GLY B 152 -36.80 -19.98 -22.59
N ASP B 153 -35.76 -20.78 -22.76
CA ASP B 153 -35.91 -22.21 -22.93
C ASP B 153 -36.16 -22.93 -21.59
N GLY B 154 -36.32 -22.15 -20.50
CA GLY B 154 -36.56 -22.68 -19.15
C GLY B 154 -35.32 -23.23 -18.45
N LYS B 155 -34.15 -23.13 -19.09
CA LYS B 155 -32.91 -23.59 -18.51
C LYS B 155 -32.12 -22.47 -17.87
N LYS B 156 -31.23 -22.84 -16.95
CA LYS B 156 -30.43 -21.86 -16.21
C LYS B 156 -29.01 -21.80 -16.78
N TYR B 157 -28.55 -20.60 -17.11
CA TYR B 157 -27.20 -20.42 -17.64
C TYR B 157 -26.44 -19.40 -16.81
N ILE B 158 -25.13 -19.60 -16.68
CA ILE B 158 -24.22 -18.57 -16.22
C ILE B 158 -23.61 -17.92 -17.48
N LYS B 159 -23.80 -16.61 -17.60
CA LYS B 159 -23.24 -15.88 -18.73
C LYS B 159 -22.52 -14.64 -18.21
N TYR B 160 -21.24 -14.51 -18.53
CA TYR B 160 -20.48 -13.29 -18.20
C TYR B 160 -19.48 -13.00 -19.29
N GLN B 161 -19.18 -11.69 -19.42
CA GLN B 161 -18.24 -11.25 -20.39
C GLN B 161 -16.80 -11.49 -19.89
N VAL B 162 -15.88 -11.70 -20.84
CA VAL B 162 -14.46 -11.67 -20.57
C VAL B 162 -13.74 -10.58 -21.39
N ILE B 163 -12.88 -9.80 -20.71
CA ILE B 163 -12.26 -8.62 -21.37
C ILE B 163 -10.75 -8.75 -21.54
N GLY B 164 -10.24 -8.21 -22.63
CA GLY B 164 -8.81 -8.21 -22.95
C GLY B 164 -8.28 -9.48 -23.59
N ASP B 165 -7.04 -9.45 -24.02
CA ASP B 165 -6.37 -10.62 -24.56
C ASP B 165 -6.28 -11.70 -23.51
N ASN B 166 -6.29 -11.31 -22.22
CA ASN B 166 -6.12 -12.24 -21.11
C ASN B 166 -7.44 -12.80 -20.60
N ASN B 167 -8.55 -12.35 -21.18
CA ASN B 167 -9.87 -12.87 -20.85
C ASN B 167 -10.18 -12.79 -19.36
N VAL B 168 -10.17 -11.57 -18.84
CA VAL B 168 -10.47 -11.32 -17.43
C VAL B 168 -11.97 -11.35 -17.33
N ALA B 169 -12.48 -12.02 -16.30
CA ALA B 169 -13.90 -12.23 -16.11
C ALA B 169 -14.60 -10.98 -15.59
N VAL B 170 -15.78 -10.70 -16.12
CA VAL B 170 -16.63 -9.63 -15.64
C VAL B 170 -17.71 -10.24 -14.75
N PRO B 171 -17.54 -10.13 -13.44
CA PRO B 171 -18.53 -10.78 -12.55
C PRO B 171 -19.97 -10.30 -12.78
N THR B 172 -20.95 -11.20 -12.62
CA THR B 172 -22.36 -10.81 -12.71
C THR B 172 -22.80 -9.98 -11.49
N HIS B 173 -22.24 -10.30 -10.32
CA HIS B 173 -22.62 -9.68 -9.06
C HIS B 173 -21.36 -9.59 -8.18
N PHE B 174 -21.45 -8.86 -7.07
CA PHE B 174 -20.44 -8.91 -5.99
C PHE B 174 -21.08 -9.09 -4.65
N PHE B 175 -20.41 -9.80 -3.75
CA PHE B 175 -20.94 -9.97 -2.40
C PHE B 175 -20.06 -9.24 -1.44
N LYS B 176 -20.66 -8.84 -0.31
CA LYS B 176 -19.91 -8.22 0.77
C LYS B 176 -20.54 -8.64 2.09
N VAL B 177 -19.76 -9.27 2.93
CA VAL B 177 -20.19 -9.63 4.23
C VAL B 177 -19.32 -8.86 5.23
N ALA B 178 -19.98 -8.13 6.13
CA ALA B 178 -19.31 -7.38 7.15
C ALA B 178 -19.70 -7.83 8.55
N LEU B 179 -18.69 -7.98 9.39
CA LEU B 179 -18.87 -8.43 10.76
C LEU B 179 -18.35 -7.37 11.70
N PHE B 180 -19.25 -6.82 12.52
CA PHE B 180 -18.96 -5.67 13.38
C PHE B 180 -19.01 -6.03 14.87
N GLU B 181 -17.84 -5.91 15.53
CA GLU B 181 -17.76 -6.19 16.96
C GLU B 181 -18.20 -4.99 17.77
N VAL B 182 -19.45 -4.98 18.19
CA VAL B 182 -20.03 -3.91 18.99
C VAL B 182 -19.56 -3.92 20.45
N THR B 183 -19.62 -5.04 21.16
CA THR B 183 -18.96 -5.14 22.48
C THR B 183 -18.14 -6.39 22.41
N PRO B 184 -17.12 -6.53 23.26
CA PRO B 184 -16.14 -7.64 23.10
C PRO B 184 -16.83 -9.00 23.04
N GLY B 185 -16.72 -9.69 21.90
CA GLY B 185 -17.25 -11.03 21.73
C GLY B 185 -18.64 -11.07 21.12
N LYS B 186 -19.20 -9.90 20.80
CA LYS B 186 -20.55 -9.83 20.25
C LYS B 186 -20.54 -9.10 18.92
N PHE B 187 -21.21 -9.67 17.92
CA PHE B 187 -21.04 -9.19 16.57
C PHE B 187 -22.33 -8.92 15.86
N GLU B 188 -22.36 -7.85 15.06
CA GLU B 188 -23.50 -7.55 14.19
C GLU B 188 -23.07 -8.03 12.82
N LEU B 189 -23.93 -8.77 12.15
CA LEU B 189 -23.59 -9.33 10.86
C LEU B 189 -24.41 -8.72 9.76
N GLU B 190 -23.79 -8.43 8.62
CA GLU B 190 -24.53 -7.90 7.48
C GLU B 190 -23.96 -8.53 6.20
N SER B 191 -24.85 -9.01 5.33
CA SER B 191 -24.46 -9.68 4.08
C SER B 191 -25.19 -9.06 2.93
N TYR B 192 -24.48 -8.95 1.80
CA TYR B 192 -25.02 -8.31 0.65
C TYR B 192 -24.58 -9.00 -0.63
N ILE B 193 -25.50 -9.01 -1.61
CA ILE B 193 -25.17 -9.29 -2.98
C ILE B 193 -25.73 -8.16 -3.85
N LEU B 194 -24.86 -7.52 -4.63
CA LEU B 194 -25.28 -6.47 -5.55
C LEU B 194 -24.91 -6.87 -6.96
N PRO B 195 -25.78 -6.56 -7.92
CA PRO B 195 -25.48 -6.92 -9.30
C PRO B 195 -24.42 -5.94 -9.89
N ASN B 196 -23.58 -6.43 -10.80
CA ASN B 196 -22.55 -5.62 -11.42
C ASN B 196 -23.20 -4.89 -12.59
N ALA B 197 -23.95 -3.86 -12.23
CA ALA B 197 -24.84 -3.16 -13.16
C ALA B 197 -25.21 -1.78 -12.62
N VAL B 198 -25.76 -0.93 -13.47
CA VAL B 198 -26.25 0.37 -13.04
C VAL B 198 -27.37 0.15 -12.05
N ILE B 199 -27.23 0.76 -10.88
CA ILE B 199 -28.28 0.75 -9.87
C ILE B 199 -28.80 2.18 -9.63
N GLU B 200 -30.11 2.30 -9.48
CA GLU B 200 -30.78 3.59 -9.30
C GLU B 200 -30.50 4.09 -7.91
N ASP B 201 -30.20 5.38 -7.80
CA ASP B 201 -29.80 5.97 -6.54
C ASP B 201 -30.78 5.76 -5.40
N THR B 202 -32.07 5.81 -5.74
CA THR B 202 -33.14 5.64 -4.77
C THR B 202 -33.01 4.32 -4.02
N VAL B 203 -32.61 3.24 -4.71
CA VAL B 203 -32.51 1.92 -4.08
C VAL B 203 -31.54 1.90 -2.92
N GLU B 204 -32.04 1.60 -1.73
CA GLU B 204 -31.19 1.54 -0.55
C GLU B 204 -30.43 0.24 -0.55
N ILE B 205 -29.23 0.25 0.01
CA ILE B 205 -28.37 -0.94 0.02
C ILE B 205 -29.00 -2.12 0.75
N SER B 206 -29.84 -1.82 1.76
CA SER B 206 -30.55 -2.85 2.51
C SER B 206 -31.40 -3.76 1.60
N LYS B 207 -31.80 -3.24 0.43
CA LYS B 207 -32.57 -4.03 -0.51
C LYS B 207 -31.75 -5.19 -0.99
N PHE B 208 -30.43 -5.12 -0.79
CA PHE B 208 -29.55 -6.19 -1.27
C PHE B 208 -29.11 -7.19 -0.21
N HIS B 209 -29.63 -6.99 1.02
CA HIS B 209 -29.49 -7.99 2.11
C HIS B 209 -29.74 -9.40 1.62
N VAL B 210 -28.84 -10.32 1.93
CA VAL B 210 -29.03 -11.74 1.69
C VAL B 210 -28.50 -12.52 2.89
N PRO B 211 -29.00 -13.76 3.08
CA PRO B 211 -28.51 -14.51 4.21
C PRO B 211 -27.07 -14.93 3.95
N LEU B 212 -26.27 -15.08 5.01
CA LEU B 212 -24.88 -15.50 4.87
C LEU B 212 -24.81 -16.80 4.12
N ASP B 213 -25.77 -17.68 4.39
CA ASP B 213 -25.87 -18.94 3.69
C ASP B 213 -25.99 -18.71 2.17
N ALA B 214 -26.59 -17.61 1.73
CA ALA B 214 -26.80 -17.43 0.31
C ALA B 214 -25.48 -17.09 -0.36
N VAL B 215 -24.66 -16.33 0.37
CA VAL B 215 -23.37 -15.93 -0.13
C VAL B 215 -22.48 -17.17 -0.31
N GLU B 216 -22.47 -18.03 0.70
CA GLU B 216 -21.61 -19.20 0.65
C GLU B 216 -21.93 -20.06 -0.57
N ARG B 217 -23.23 -20.28 -0.80
CA ARG B 217 -23.70 -21.17 -1.89
C ARG B 217 -23.34 -20.62 -3.27
N SER B 218 -23.53 -19.31 -3.44
CA SER B 218 -23.18 -18.67 -4.69
C SER B 218 -21.67 -18.65 -4.91
N ALA B 219 -20.90 -18.44 -3.83
CA ALA B 219 -19.49 -18.18 -3.92
C ALA B 219 -18.64 -19.44 -3.93
N GLY B 220 -19.05 -20.45 -3.17
CA GLY B 220 -18.21 -21.63 -3.01
C GLY B 220 -17.16 -21.35 -1.95
N LEU B 221 -17.54 -20.58 -0.95
CA LEU B 221 -16.62 -20.20 0.11
C LEU B 221 -17.24 -20.50 1.47
N GLU B 222 -16.39 -20.71 2.46
CA GLU B 222 -16.85 -20.87 3.85
C GLU B 222 -16.54 -19.63 4.63
N ILE B 223 -17.56 -18.79 4.78
CA ILE B 223 -17.41 -17.50 5.41
C ILE B 223 -17.56 -17.57 6.94
N PHE B 224 -16.60 -16.96 7.64
CA PHE B 224 -16.51 -16.89 9.09
C PHE B 224 -16.66 -18.27 9.78
N ALA B 225 -15.97 -19.28 9.24
CA ALA B 225 -16.07 -20.64 9.73
C ALA B 225 -15.81 -20.70 11.23
N ARG B 226 -14.90 -19.87 11.73
CA ARG B 226 -14.56 -19.87 13.15
C ARG B 226 -15.55 -19.10 14.02
N LEU B 227 -16.49 -18.35 13.44
CA LEU B 227 -17.39 -17.47 14.25
C LEU B 227 -18.44 -18.26 14.97
N ASP B 228 -18.54 -18.06 16.28
CA ASP B 228 -19.55 -18.78 17.03
C ASP B 228 -20.90 -18.14 16.70
N PRO B 229 -21.82 -18.91 16.11
CA PRO B 229 -23.13 -18.38 15.69
C PRO B 229 -23.84 -17.65 16.82
N LYS B 230 -23.59 -18.12 18.04
CA LYS B 230 -24.19 -17.56 19.23
C LYS B 230 -23.63 -16.18 19.62
N SER B 231 -22.50 -15.79 19.00
CA SER B 231 -21.90 -14.46 19.20
C SER B 231 -22.65 -13.39 18.42
N ILE B 232 -23.36 -13.81 17.37
CA ILE B 232 -24.05 -12.86 16.51
C ILE B 232 -25.33 -12.36 17.13
N VAL B 233 -25.34 -11.09 17.53
CA VAL B 233 -26.51 -10.53 18.16
C VAL B 233 -27.44 -9.88 17.15
N LYS B 234 -26.97 -9.65 15.94
CA LYS B 234 -27.76 -8.99 14.92
C LYS B 234 -27.33 -9.49 13.52
N GLU B 235 -28.30 -9.85 12.68
CA GLU B 235 -28.06 -10.32 11.32
C GLU B 235 -28.90 -9.48 10.39
N ASN B 236 -28.26 -8.65 9.56
CA ASN B 236 -28.97 -7.87 8.54
C ASN B 236 -30.01 -6.96 9.16
N GLY B 237 -29.73 -6.45 10.36
CA GLY B 237 -30.59 -5.48 11.04
C GLY B 237 -31.65 -6.07 11.96
N ALA B 238 -31.73 -7.40 12.06
CA ALA B 238 -32.71 -8.08 12.92
C ALA B 238 -32.12 -8.52 14.26
N LYS B 239 -32.99 -8.72 15.28
CA LYS B 239 -32.66 -9.35 16.60
C LYS B 239 -31.70 -8.48 17.43
N SER C 1 -15.39 27.63 3.28
CA SER C 1 -14.64 26.66 4.13
C SER C 1 -13.95 27.41 5.28
N ARG C 2 -13.74 26.74 6.41
CA ARG C 2 -13.21 27.39 7.60
C ARG C 2 -11.70 27.53 7.51
N SER C 3 -11.03 26.46 7.08
CA SER C 3 -9.59 26.52 6.85
C SER C 3 -9.22 27.62 5.86
N ALA C 4 -10.00 27.82 4.81
CA ALA C 4 -9.74 28.89 3.81
C ALA C 4 -9.99 30.25 4.41
N GLU C 5 -10.83 30.27 5.42
CA GLU C 5 -11.24 31.49 6.09
C GLU C 5 -10.07 31.86 7.02
N ILE C 6 -9.39 30.83 7.53
CA ILE C 6 -8.33 31.02 8.50
C ILE C 6 -7.05 31.36 7.78
N MET C 7 -6.84 30.73 6.63
CA MET C 7 -5.58 30.83 5.91
C MET C 7 -5.70 31.85 4.80
N LYS C 8 -6.64 32.77 4.95
CA LYS C 8 -6.89 33.76 3.92
C LYS C 8 -5.64 34.49 3.43
N HIS C 9 -4.76 34.87 4.34
CA HIS C 9 -3.65 35.74 3.98
C HIS C 9 -2.35 34.99 3.69
N GLY C 10 -2.39 33.66 3.73
CA GLY C 10 -1.25 32.85 3.29
C GLY C 10 -0.85 31.74 4.23
N TYR C 11 -0.31 30.67 3.64
CA TYR C 11 0.38 29.61 4.40
C TYR C 11 1.83 30.01 4.63
N PRO C 12 2.27 29.97 5.90
CA PRO C 12 3.66 30.21 6.19
C PRO C 12 4.51 29.11 5.64
N GLY C 13 3.94 27.94 5.45
CA GLY C 13 4.65 26.78 4.95
C GLY C 13 3.64 25.75 4.55
N PHE C 14 4.10 24.58 4.08
CA PHE C 14 3.18 23.47 3.69
C PHE C 14 3.68 22.12 4.22
N THR C 15 4.41 22.14 5.31
CA THR C 15 4.98 20.95 5.81
C THR C 15 4.03 20.29 6.81
N ASN C 16 3.73 19.01 6.55
CA ASN C 16 2.79 18.25 7.37
C ASN C 16 1.64 19.12 7.88
N VAL C 17 0.86 19.68 6.95
CA VAL C 17 -0.25 20.54 7.36
C VAL C 17 -1.41 19.67 7.83
N ARG C 18 -1.92 19.94 9.04
CA ARG C 18 -3.15 19.34 9.57
C ARG C 18 -4.13 20.47 9.77
N THR C 19 -5.30 20.40 9.13
CA THR C 19 -6.34 21.40 9.36
C THR C 19 -7.30 20.89 10.42
N TYR C 20 -7.36 21.55 11.56
CA TYR C 20 -8.25 21.12 12.60
C TYR C 20 -9.57 21.87 12.41
N GLU C 21 -10.51 21.69 13.35
CA GLU C 21 -11.78 22.39 13.29
C GLU C 21 -11.61 23.88 13.15
N ASP C 22 -10.81 24.48 14.04
CA ASP C 22 -10.77 25.92 14.22
C ASP C 22 -9.36 26.53 14.07
N PHE C 23 -8.36 25.73 13.72
CA PHE C 23 -7.02 26.26 13.42
C PHE C 23 -6.23 25.34 12.51
N VAL C 24 -5.12 25.85 11.98
CA VAL C 24 -4.31 25.06 11.08
C VAL C 24 -2.93 24.93 11.64
N LEU C 25 -2.32 23.77 11.45
CA LEU C 25 -1.03 23.51 12.04
C LEU C 25 -0.08 22.85 11.02
N SER C 26 1.21 23.17 11.12
CA SER C 26 2.28 22.50 10.39
C SER C 26 3.21 21.85 11.38
N TYR C 27 3.33 20.52 11.28
CA TYR C 27 4.09 19.73 12.28
C TYR C 27 5.49 19.41 11.76
N ASP C 28 6.46 19.42 12.66
CA ASP C 28 7.84 19.17 12.34
C ASP C 28 8.20 17.81 12.87
N TYR C 29 8.43 16.88 11.95
CA TYR C 29 8.80 15.50 12.34
C TYR C 29 10.09 15.44 13.13
N LYS C 30 10.93 16.44 13.02
CA LYS C 30 12.25 16.38 13.68
C LYS C 30 12.24 16.90 15.11
N THR C 31 11.63 18.05 15.32
CA THR C 31 11.57 18.64 16.64
C THR C 31 10.45 18.02 17.49
N ARG C 32 9.58 17.24 16.82
CA ARG C 32 8.39 16.68 17.45
C ARG C 32 7.43 17.76 17.97
N THR C 33 7.52 18.96 17.43
CA THR C 33 6.53 19.97 17.71
C THR C 33 6.17 20.69 16.42
N ALA C 34 5.37 21.75 16.52
CA ALA C 34 4.91 22.46 15.33
C ALA C 34 6.00 23.39 14.68
N HIS C 35 5.90 23.60 13.36
CA HIS C 35 6.55 24.70 12.72
C HIS C 35 5.74 25.93 13.05
N TRP C 36 4.43 25.87 12.78
CA TRP C 36 3.54 26.99 13.02
C TRP C 36 2.06 26.59 13.20
N VAL C 37 1.27 27.48 13.81
CA VAL C 37 -0.17 27.39 13.84
C VAL C 37 -0.72 28.71 13.31
N CYS C 38 -1.94 28.66 12.76
CA CYS C 38 -2.60 29.90 12.27
C CYS C 38 -4.00 29.98 12.83
N GLU C 39 -4.37 31.15 13.32
CA GLU C 39 -5.66 31.30 13.96
C GLU C 39 -6.36 32.52 13.40
N HIS C 40 -7.68 32.49 13.34
CA HIS C 40 -8.45 33.66 12.92
C HIS C 40 -9.49 34.05 13.94
N LEU C 41 -9.55 35.33 14.28
CA LEU C 41 -10.48 35.81 15.29
C LEU C 41 -11.38 36.95 14.79
N THR C 42 -12.64 36.86 15.19
CA THR C 42 -13.57 37.95 15.06
C THR C 42 -14.11 38.17 16.45
N PRO C 43 -14.69 39.36 16.70
CA PRO C 43 -15.33 39.63 17.97
C PRO C 43 -16.38 38.58 18.31
N GLU C 44 -17.09 38.10 17.29
CA GLU C 44 -18.10 37.06 17.49
C GLU C 44 -17.49 35.79 18.07
N ARG C 45 -16.34 35.36 17.54
CA ARG C 45 -15.75 34.06 17.90
C ARG C 45 -15.06 34.08 19.26
N LEU C 46 -15.07 35.25 19.91
CA LEU C 46 -14.59 35.33 21.30
C LEU C 46 -15.76 35.33 22.28
N LYS C 47 -16.90 34.81 21.85
CA LYS C 47 -18.01 34.64 22.78
C LYS C 47 -18.20 33.17 23.10
N HIS C 48 -18.46 32.84 24.36
CA HIS C 48 -18.52 31.43 24.73
C HIS C 48 -19.87 30.82 24.40
N ALA C 49 -19.83 29.57 23.97
CA ALA C 49 -21.01 28.72 23.92
C ALA C 49 -20.85 27.75 25.08
N GLY C 51 -22.43 25.91 25.52
CA GLY C 51 -21.86 25.36 26.79
C GLY C 51 -20.61 24.51 26.62
N VAL C 52 -19.44 25.14 26.50
CA VAL C 52 -18.19 24.46 26.13
C VAL C 52 -17.18 24.60 27.28
N ASP C 53 -16.51 23.52 27.64
CA ASP C 53 -15.63 23.57 28.80
C ASP C 53 -14.26 22.91 28.64
N ARG C 54 -13.24 23.68 28.96
CA ARG C 54 -11.85 23.29 28.78
C ARG C 54 -11.41 22.22 29.73
N LYS C 55 -12.16 22.06 30.82
CA LYS C 55 -11.87 21.06 31.82
C LYS C 55 -12.07 19.70 31.19
N LEU C 56 -12.87 19.65 30.12
CA LEU C 56 -13.19 18.40 29.45
C LEU C 56 -12.05 17.90 28.54
N CYS C 57 -11.20 18.82 28.08
CA CYS C 57 -10.12 18.53 27.15
C CYS C 57 -9.04 17.65 27.76
N GLU C 58 -8.31 16.90 26.92
CA GLU C 58 -7.20 16.05 27.37
C GLU C 58 -5.93 16.14 26.50
N PHE C 59 -4.77 16.21 27.15
CA PHE C 59 -3.52 16.21 26.45
C PHE C 59 -3.30 14.86 25.82
N LYS C 60 -3.40 14.80 24.48
CA LYS C 60 -2.98 13.58 23.74
C LYS C 60 -2.27 13.84 22.42
N PRO C 61 -1.58 12.83 21.88
CA PRO C 61 -1.01 13.09 20.57
C PRO C 61 -2.09 13.00 19.51
N ASP C 62 -1.87 13.62 18.34
CA ASP C 62 -2.70 13.44 17.17
C ASP C 62 -2.10 12.29 16.37
N ILE C 63 -2.75 11.16 16.37
CA ILE C 63 -2.18 9.96 15.77
C ILE C 63 -2.30 9.95 14.25
N THR C 64 -2.77 11.07 13.67
CA THR C 64 -2.79 11.24 12.21
C THR C 64 -1.36 11.39 11.68
N PHE C 65 -0.42 11.65 12.60
CA PHE C 65 1.01 11.70 12.30
C PHE C 65 1.64 10.38 12.63
N PRO C 66 2.69 9.99 11.91
CA PRO C 66 3.33 8.71 12.13
C PRO C 66 3.81 8.54 13.57
N LYS C 67 3.81 7.31 14.07
CA LYS C 67 4.15 7.06 15.49
C LYS C 67 5.57 7.47 15.83
N LYS C 68 6.51 7.15 14.97
CA LYS C 68 7.89 7.53 15.23
C LYS C 68 8.16 9.03 15.36
N PHE C 69 7.19 9.85 14.97
CA PHE C 69 7.35 11.29 15.00
C PHE C 69 6.46 11.92 16.06
N LEU C 70 5.81 11.09 16.84
CA LEU C 70 4.96 11.61 17.87
C LEU C 70 5.70 11.97 19.17
N SER C 71 5.28 13.08 19.77
CA SER C 71 5.69 13.34 21.12
C SER C 71 4.63 12.73 22.04
N GLN C 72 5.06 12.32 23.23
CA GLN C 72 4.12 11.73 24.16
C GLN C 72 4.15 12.51 25.47
N ASN C 73 3.05 12.49 26.24
CA ASN C 73 2.97 13.11 27.59
C ASN C 73 4.16 12.75 28.48
N THR C 74 4.66 11.53 28.35
CA THR C 74 5.83 11.06 29.10
C THR C 74 7.11 11.88 28.81
N ASP C 75 7.20 12.44 27.59
CA ASP C 75 8.35 13.28 27.24
C ASP C 75 8.37 14.59 28.07
N TYR C 76 7.18 15.14 28.35
CA TYR C 76 7.04 16.39 29.05
C TYR C 76 7.03 16.22 30.59
N LYS C 77 6.71 15.01 31.04
CA LYS C 77 6.62 14.67 32.46
C LYS C 77 7.97 14.75 33.16
N CYS C 78 8.03 15.60 34.19
CA CYS C 78 9.25 15.75 35.02
C CYS C 78 10.49 16.22 34.21
N SER C 79 10.22 17.09 33.22
CA SER C 79 11.21 17.55 32.29
C SER C 79 11.61 18.96 32.66
N GLY C 80 10.77 19.64 33.43
CA GLY C 80 11.07 21.00 33.79
C GLY C 80 10.22 21.92 32.95
N PHE C 81 9.45 21.33 32.03
CA PHE C 81 8.69 22.11 31.07
C PHE C 81 7.19 21.82 31.06
N ASP C 82 6.37 22.85 30.79
CA ASP C 82 4.93 22.66 30.55
C ASP C 82 4.65 22.22 29.12
N ARG C 83 3.43 21.76 28.90
CA ARG C 83 2.96 21.53 27.56
C ARG C 83 2.37 22.86 27.22
N GLY C 84 3.10 23.67 26.45
CA GLY C 84 2.66 25.01 26.12
C GLY C 84 1.92 24.99 24.80
N HIS C 85 0.64 25.36 24.82
CA HIS C 85 -0.13 25.35 23.59
C HIS C 85 0.28 26.51 22.71
N LEU C 86 0.54 26.24 21.43
CA LEU C 86 0.89 27.32 20.55
C LEU C 86 -0.42 28.00 20.16
N ALA C 87 -1.38 27.23 19.62
CA ALA C 87 -2.76 27.72 19.39
C ALA C 87 -3.53 27.68 20.70
N ALA C 88 -3.70 28.86 21.31
CA ALA C 88 -4.29 28.97 22.66
C ALA C 88 -5.76 28.46 22.77
N ALA C 89 -6.05 27.69 23.81
CA ALA C 89 -7.40 27.19 24.10
C ALA C 89 -8.39 28.35 24.15
N GLY C 90 -8.00 29.47 24.76
CA GLY C 90 -8.87 30.62 24.88
C GLY C 90 -9.19 31.35 23.59
N ASN C 91 -8.60 30.93 22.47
CA ASN C 91 -8.96 31.50 21.15
C ASN C 91 -10.07 30.69 20.49
N HIS C 92 -10.51 29.64 21.18
CA HIS C 92 -11.41 28.67 20.59
C HIS C 92 -12.54 28.35 21.55
N ARG C 93 -13.59 29.15 21.44
CA ARG C 93 -14.66 29.13 22.41
C ARG C 93 -16.02 28.72 21.78
N LYS C 94 -16.00 28.37 20.51
CA LYS C 94 -17.24 28.19 19.76
C LYS C 94 -17.73 26.74 19.65
N SER C 95 -16.94 25.79 20.14
CA SER C 95 -17.37 24.39 20.21
C SER C 95 -16.45 23.57 21.11
N GLN C 96 -16.88 22.38 21.49
CA GLN C 96 -16.09 21.53 22.35
C GLN C 96 -14.96 20.88 21.58
N LEU C 97 -15.20 20.54 20.32
CA LEU C 97 -14.17 19.85 19.53
C LEU C 97 -13.03 20.83 19.22
N ALA C 98 -13.40 22.07 18.92
CA ALA C 98 -12.45 23.11 18.62
C ALA C 98 -11.43 23.21 19.73
N VAL C 99 -11.87 23.32 20.96
CA VAL C 99 -10.95 23.44 22.09
C VAL C 99 -10.21 22.15 22.39
N ASP C 100 -10.88 21.02 22.18
CA ASP C 100 -10.31 19.71 22.45
C ASP C 100 -9.04 19.51 21.63
N GLN C 101 -9.06 20.07 20.43
CA GLN C 101 -7.97 19.89 19.46
C GLN C 101 -6.71 20.68 19.86
N THR C 102 -6.92 21.75 20.63
CA THR C 102 -5.80 22.57 21.03
C THR C 102 -5.03 21.82 22.09
N PHE C 103 -5.46 20.62 22.45
CA PHE C 103 -4.70 19.90 23.44
C PHE C 103 -4.00 18.74 22.82
N TYR C 104 -4.01 18.70 21.49
CA TYR C 104 -3.14 17.76 20.78
C TYR C 104 -1.67 18.12 21.02
N LEU C 105 -0.82 17.11 21.23
CA LEU C 105 0.60 17.33 21.44
C LEU C 105 1.36 17.95 20.23
N SER C 106 0.71 17.94 19.07
CA SER C 106 1.20 18.60 17.87
C SER C 106 1.16 20.11 18.07
N ASN C 107 0.25 20.56 18.94
CA ASN C 107 0.05 21.98 19.23
C ASN C 107 0.88 22.38 20.46
N MET C 108 1.64 21.42 21.01
CA MET C 108 2.41 21.67 22.22
C MET C 108 3.91 21.85 21.98
N SER C 109 4.54 22.76 22.72
CA SER C 109 6.00 22.85 22.74
C SER C 109 6.40 22.94 24.19
N PRO C 110 7.54 22.30 24.54
CA PRO C 110 8.17 22.42 25.83
C PRO C 110 8.42 23.90 26.20
N GLN C 111 7.72 24.37 27.22
CA GLN C 111 7.83 25.76 27.61
C GLN C 111 8.18 25.87 29.07
N VAL C 112 8.86 26.93 29.45
CA VAL C 112 9.06 27.26 30.85
C VAL C 112 7.68 27.65 31.39
N GLY C 113 7.35 27.19 32.62
CA GLY C 113 6.05 27.46 33.27
C GLY C 113 5.99 28.80 33.98
N ARG C 114 6.42 28.86 35.25
CA ARG C 114 6.46 30.12 35.99
C ARG C 114 7.37 31.13 35.29
N GLY C 115 6.82 32.27 34.89
CA GLY C 115 7.61 33.31 34.23
C GLY C 115 7.53 33.30 32.70
N PHE C 116 6.89 32.29 32.13
CA PHE C 116 6.69 32.27 30.69
C PHE C 116 5.29 31.83 30.25
N ASN C 117 5.08 30.53 30.22
CA ASN C 117 3.79 29.96 29.77
C ASN C 117 2.61 30.47 30.57
N ARG C 118 2.78 30.39 31.88
CA ARG C 118 1.72 30.68 32.83
C ARG C 118 1.67 32.18 33.06
N ASP C 119 2.66 32.90 32.51
CA ASP C 119 2.95 34.25 33.01
C ASP C 119 3.20 35.40 32.03
N LYS C 120 4.21 35.31 31.17
CA LYS C 120 4.46 36.42 30.25
C LYS C 120 3.89 36.14 28.87
N TRP C 121 4.00 34.90 28.42
CA TRP C 121 3.42 34.45 27.16
C TRP C 121 1.89 34.55 27.13
N ASN C 122 1.21 34.05 28.15
CA ASN C 122 -0.25 34.25 28.39
C ASN C 122 -0.72 35.74 28.30
N ASP C 123 0.05 36.69 28.85
CA ASP C 123 -0.32 38.10 28.76
C ASP C 123 -0.38 38.52 27.32
N LEU C 124 0.56 37.97 26.54
CA LEU C 124 0.68 38.30 25.13
C LEU C 124 -0.52 37.71 24.41
N GLU C 125 -0.92 36.51 24.87
CA GLU C 125 -2.12 35.82 24.40
C GLU C 125 -3.37 36.64 24.71
N MET C 126 -3.48 37.10 25.94
CA MET C 126 -4.58 37.96 26.30
C MET C 126 -4.55 39.28 25.52
N HIS C 127 -3.35 39.77 25.23
CA HIS C 127 -3.23 41.03 24.49
C HIS C 127 -3.85 40.90 23.09
N CYS C 128 -3.57 39.77 22.45
CA CYS C 128 -4.07 39.54 21.12
C CYS C 128 -5.57 39.42 21.14
N ARG C 129 -6.12 38.77 22.18
CA ARG C 129 -7.58 38.66 22.30
C ARG C 129 -8.26 40.02 22.54
N ARG C 130 -7.72 40.76 23.48
CA ARG C 130 -8.20 42.08 23.78
C ARG C 130 -8.28 42.94 22.52
N VAL C 131 -7.28 42.88 21.64
CA VAL C 131 -7.29 43.69 20.41
C VAL C 131 -8.24 43.12 19.36
N ALA C 132 -8.31 41.81 19.29
CA ALA C 132 -9.18 41.12 18.37
C ALA C 132 -10.63 41.59 18.47
N LYS C 133 -10.99 42.17 19.63
CA LYS C 133 -12.34 42.64 19.86
C LYS C 133 -12.63 44.02 19.27
N LYS C 134 -11.62 44.85 19.06
CA LYS C 134 -11.83 46.14 18.38
C LYS C 134 -11.58 46.07 16.89
N MET C 135 -11.48 44.85 16.36
CA MET C 135 -11.06 44.65 15.00
C MET C 135 -12.05 43.76 14.24
N ILE C 136 -12.23 44.04 12.94
CA ILE C 136 -13.12 43.28 12.08
C ILE C 136 -12.68 41.84 12.04
N ASN C 137 -11.45 41.63 11.56
CA ASN C 137 -10.81 40.31 11.56
C ASN C 137 -9.43 40.37 12.22
N SER C 138 -9.01 39.26 12.82
CA SER C 138 -7.68 39.15 13.42
C SER C 138 -7.03 37.86 13.04
N TYR C 139 -5.78 37.92 12.60
CA TYR C 139 -5.05 36.69 12.29
C TYR C 139 -3.76 36.57 13.08
N ILE C 140 -3.52 35.37 13.64
CA ILE C 140 -2.34 35.07 14.46
C ILE C 140 -1.49 33.87 13.95
N ILE C 141 -0.21 34.12 13.73
CA ILE C 141 0.72 33.04 13.46
C ILE C 141 1.62 32.89 14.70
N THR C 142 1.75 31.69 15.22
CA THR C 142 2.55 31.42 16.37
C THR C 142 3.44 30.21 16.08
N GLY C 143 4.69 30.24 16.57
CA GLY C 143 5.55 29.08 16.40
C GLY C 143 6.81 29.16 17.21
N PRO C 144 7.55 28.07 17.28
CA PRO C 144 8.80 28.04 18.04
C PRO C 144 10.01 28.50 17.20
N LEU C 145 11.09 28.92 17.85
CA LEU C 145 12.33 29.32 17.19
C LEU C 145 13.53 28.65 17.82
N TYR C 146 14.56 28.42 17.01
CA TYR C 146 15.83 27.89 17.50
C TYR C 146 16.94 28.81 17.08
N LEU C 147 17.25 29.79 17.93
CA LEU C 147 18.08 30.95 17.54
C LEU C 147 19.54 30.76 17.84
N PRO C 148 20.43 31.14 16.89
CA PRO C 148 21.87 31.02 17.09
C PRO C 148 22.36 32.07 18.05
N LYS C 149 23.49 31.81 18.70
CA LYS C 149 24.15 32.70 19.66
C LYS C 149 25.60 32.82 19.27
N LEU C 150 26.13 34.05 19.29
CA LEU C 150 27.58 34.27 19.09
C LEU C 150 28.36 33.89 20.37
N GLU C 151 29.31 32.96 20.26
CA GLU C 151 30.04 32.49 21.43
C GLU C 151 31.45 33.11 21.50
N GLY C 152 32.18 32.79 22.57
CA GLY C 152 33.53 33.35 22.78
C GLY C 152 34.61 33.13 21.71
N ASP C 153 34.54 31.97 21.03
CA ASP C 153 35.40 31.61 19.93
C ASP C 153 35.05 32.35 18.64
N GLY C 154 34.07 33.24 18.69
CA GLY C 154 33.71 34.04 17.51
C GLY C 154 32.87 33.32 16.45
N LYS C 155 32.36 32.15 16.82
CA LYS C 155 31.51 31.33 15.97
C LYS C 155 30.07 31.34 16.47
N LYS C 156 29.12 31.04 15.60
CA LYS C 156 27.69 31.03 15.99
C LYS C 156 27.14 29.61 16.14
N TYR C 157 26.29 29.37 17.14
CA TYR C 157 25.75 28.03 17.31
C TYR C 157 24.29 28.08 17.67
N ILE C 158 23.50 27.18 17.09
CA ILE C 158 22.17 26.90 17.62
C ILE C 158 22.32 25.73 18.61
N LYS C 159 21.79 25.92 19.83
CA LYS C 159 21.89 24.90 20.87
C LYS C 159 20.58 24.89 21.59
N TYR C 160 19.99 23.69 21.67
CA TYR C 160 18.75 23.52 22.37
C TYR C 160 18.62 22.13 23.00
N GLN C 161 17.98 22.09 24.15
CA GLN C 161 17.72 20.84 24.86
C GLN C 161 16.60 20.03 24.16
N VAL C 162 16.72 18.71 24.25
CA VAL C 162 15.67 17.79 23.85
C VAL C 162 15.28 16.91 25.04
N ILE C 163 14.00 16.78 25.29
CA ILE C 163 13.54 16.05 26.48
C ILE C 163 12.71 14.84 26.06
N GLY C 164 12.59 13.87 26.96
CA GLY C 164 11.87 12.62 26.70
C GLY C 164 12.75 11.61 25.98
N ASP C 165 12.23 10.40 25.80
CA ASP C 165 12.87 9.39 24.97
C ASP C 165 12.66 9.73 23.49
N ASN C 166 11.59 10.47 23.21
CA ASN C 166 11.28 10.88 21.85
C ASN C 166 12.08 12.12 21.38
N ASN C 167 12.87 12.69 22.30
CA ASN C 167 13.77 13.81 21.96
C ASN C 167 13.03 15.03 21.38
N VAL C 168 12.05 15.52 22.12
CA VAL C 168 11.30 16.69 21.74
C VAL C 168 12.16 17.94 21.96
N ALA C 169 12.21 18.82 20.96
CA ALA C 169 13.02 20.02 21.06
C ALA C 169 12.44 21.01 22.06
N VAL C 170 13.32 21.56 22.89
CA VAL C 170 13.01 22.69 23.74
C VAL C 170 13.46 23.95 22.97
N PRO C 171 12.49 24.73 22.47
CA PRO C 171 12.81 25.91 21.64
C PRO C 171 13.58 26.96 22.44
N THR C 172 14.44 27.70 21.78
CA THR C 172 15.15 28.81 22.40
C THR C 172 14.15 29.94 22.57
N HIS C 173 13.31 30.17 21.57
CA HIS C 173 12.39 31.31 21.62
C HIS C 173 11.03 30.92 20.99
N PHE C 174 10.06 31.82 21.12
CA PHE C 174 8.77 31.71 20.43
C PHE C 174 8.47 33.00 19.69
N PHE C 175 7.87 32.88 18.52
CA PHE C 175 7.40 34.07 17.82
C PHE C 175 5.91 34.15 17.83
N LYS C 176 5.38 35.34 17.66
CA LYS C 176 3.98 35.53 17.42
C LYS C 176 3.78 36.77 16.54
N VAL C 177 3.10 36.57 15.41
CA VAL C 177 2.76 37.66 14.52
C VAL C 177 1.26 37.83 14.53
N ALA C 178 0.79 39.06 14.68
CA ALA C 178 -0.64 39.28 14.74
C ALA C 178 -1.07 40.34 13.72
N LEU C 179 -2.08 40.02 12.93
CA LEU C 179 -2.56 40.92 11.88
C LEU C 179 -3.99 41.35 12.18
N PHE C 180 -4.17 42.61 12.55
CA PHE C 180 -5.49 43.09 12.93
C PHE C 180 -6.09 43.93 11.79
N GLU C 181 -7.29 43.55 11.33
CA GLU C 181 -8.04 44.37 10.35
C GLU C 181 -8.83 45.40 11.13
N VAL C 182 -8.43 46.65 10.99
CA VAL C 182 -8.99 47.72 11.79
C VAL C 182 -10.10 48.43 11.02
N THR C 183 -9.88 48.64 9.73
CA THR C 183 -10.93 49.05 8.76
C THR C 183 -10.76 48.11 7.56
N PRO C 184 -11.82 47.94 6.75
CA PRO C 184 -11.83 46.94 5.68
C PRO C 184 -10.68 47.07 4.70
N GLY C 185 -9.86 46.02 4.59
CA GLY C 185 -8.65 46.06 3.75
C GLY C 185 -7.49 46.90 4.28
N LYS C 186 -7.60 47.40 5.51
CA LYS C 186 -6.48 48.09 6.18
C LYS C 186 -6.06 47.38 7.50
N PHE C 187 -4.75 47.22 7.69
CA PHE C 187 -4.23 46.38 8.76
C PHE C 187 -3.17 47.00 9.67
N GLU C 188 -3.19 46.55 10.91
CA GLU C 188 -2.15 46.81 11.89
C GLU C 188 -1.38 45.52 12.11
N LEU C 189 -0.06 45.57 11.95
CA LEU C 189 0.77 44.39 12.07
C LEU C 189 1.53 44.44 13.38
N GLU C 190 1.54 43.34 14.14
CA GLU C 190 2.35 43.23 15.37
C GLU C 190 3.18 41.93 15.39
N SER C 191 4.52 42.03 15.45
CA SER C 191 5.40 40.86 15.57
C SER C 191 6.21 40.81 16.87
N TYR C 192 6.32 39.60 17.45
CA TYR C 192 6.98 39.38 18.73
C TYR C 192 7.94 38.18 18.67
N ILE C 193 9.04 38.27 19.42
CA ILE C 193 9.86 37.11 19.71
C ILE C 193 10.20 37.16 21.18
N LEU C 194 9.81 36.12 21.92
CA LEU C 194 10.12 36.02 23.32
C LEU C 194 10.93 34.79 23.54
N PRO C 195 11.87 34.85 24.51
CA PRO C 195 12.72 33.71 24.85
C PRO C 195 11.96 32.73 25.71
N ASN C 196 12.20 31.44 25.49
CA ASN C 196 11.61 30.42 26.29
C ASN C 196 12.41 30.42 27.58
N ALA C 197 12.05 31.31 28.47
CA ALA C 197 12.79 31.51 29.72
C ALA C 197 11.90 32.25 30.71
N VAL C 198 12.36 32.38 31.95
CA VAL C 198 11.63 33.11 32.96
C VAL C 198 11.72 34.59 32.58
N ILE C 199 10.60 35.27 32.40
CA ILE C 199 10.62 36.70 32.16
C ILE C 199 9.95 37.41 33.34
N GLU C 200 10.59 38.44 33.88
CA GLU C 200 10.04 39.24 35.01
C GLU C 200 8.75 39.95 34.61
N ASP C 201 7.73 39.83 35.45
CA ASP C 201 6.41 40.37 35.14
C ASP C 201 6.36 41.86 34.85
N THR C 202 7.45 42.57 35.09
CA THR C 202 7.47 44.03 34.83
C THR C 202 7.87 44.37 33.38
N VAL C 203 8.33 43.37 32.60
CA VAL C 203 8.71 43.62 31.20
C VAL C 203 7.43 43.70 30.41
N GLU C 204 7.26 44.73 29.60
CA GLU C 204 6.08 44.86 28.78
C GLU C 204 6.32 44.07 27.52
N ILE C 205 5.26 43.51 26.98
CA ILE C 205 5.33 42.71 25.75
C ILE C 205 5.86 43.50 24.59
N SER C 206 5.54 44.80 24.54
CA SER C 206 6.06 45.69 23.47
C SER C 206 7.60 45.66 23.35
N LYS C 207 8.27 45.33 24.46
CA LYS C 207 9.73 45.23 24.46
C LYS C 207 10.24 44.09 23.59
N PHE C 208 9.34 43.19 23.19
CA PHE C 208 9.75 42.05 22.39
C PHE C 208 9.38 42.20 20.92
N HIS C 209 9.01 43.41 20.51
CA HIS C 209 8.73 43.65 19.09
C HIS C 209 9.94 43.30 18.24
N VAL C 210 9.68 42.80 17.02
CA VAL C 210 10.72 42.64 16.00
C VAL C 210 10.14 42.98 14.64
N PRO C 211 11.00 43.20 13.65
CA PRO C 211 10.45 43.29 12.29
C PRO C 211 9.92 41.91 11.88
N LEU C 212 8.90 41.89 11.00
CA LEU C 212 8.34 40.65 10.51
C LEU C 212 9.43 39.81 9.82
N ASP C 213 10.33 40.49 9.14
CA ASP C 213 11.47 39.88 8.46
C ASP C 213 12.31 39.00 9.37
N ALA C 214 12.50 39.41 10.64
CA ALA C 214 13.31 38.60 11.59
C ALA C 214 12.62 37.30 11.90
N VAL C 215 11.30 37.31 11.98
CA VAL C 215 10.54 36.10 12.22
C VAL C 215 10.67 35.17 11.00
N GLU C 216 10.47 35.72 9.81
CA GLU C 216 10.60 34.95 8.58
C GLU C 216 11.98 34.30 8.43
N ARG C 217 13.03 35.07 8.69
CA ARG C 217 14.38 34.61 8.54
C ARG C 217 14.72 33.58 9.58
N SER C 218 14.32 33.83 10.83
CA SER C 218 14.62 32.90 11.95
C SER C 218 13.87 31.60 11.82
N ALA C 219 12.61 31.67 11.36
CA ALA C 219 11.74 30.50 11.30
C ALA C 219 11.82 29.79 9.96
N GLY C 220 12.23 30.50 8.93
CA GLY C 220 12.26 29.96 7.58
C GLY C 220 10.82 29.79 7.09
N LEU C 221 10.01 30.85 7.24
CA LEU C 221 8.58 30.86 6.81
C LEU C 221 8.23 32.14 6.10
N GLU C 222 7.13 32.11 5.38
CA GLU C 222 6.64 33.25 4.62
C GLU C 222 5.32 33.66 5.22
N ILE C 223 5.31 34.71 6.02
CA ILE C 223 4.15 35.05 6.80
C ILE C 223 3.40 36.18 6.12
N PHE C 224 2.07 36.00 6.00
CA PHE C 224 1.18 36.97 5.35
C PHE C 224 1.73 37.39 4.00
N ALA C 225 2.39 36.46 3.29
CA ALA C 225 3.17 36.81 2.10
C ALA C 225 2.26 37.34 1.02
N ARG C 226 1.00 36.94 1.10
CA ARG C 226 -0.03 37.22 0.08
C ARG C 226 -0.80 38.50 0.41
N LEU C 227 -0.14 39.40 1.14
CA LEU C 227 -0.77 40.64 1.59
C LEU C 227 -0.04 41.85 1.01
N ASP C 228 -0.82 42.79 0.54
CA ASP C 228 -0.31 44.01 0.00
C ASP C 228 0.22 44.82 1.17
N PRO C 229 1.52 45.15 1.16
CA PRO C 229 2.15 45.97 2.22
C PRO C 229 1.52 47.36 2.37
N LYS C 230 0.99 47.90 1.28
CA LYS C 230 0.21 49.12 1.35
C LYS C 230 -1.07 48.99 2.18
N SER C 231 -1.56 47.76 2.35
CA SER C 231 -2.73 47.48 3.18
C SER C 231 -2.43 47.64 4.65
N ILE C 232 -1.15 47.63 4.99
CA ILE C 232 -0.72 47.78 6.37
C ILE C 232 -0.47 49.25 6.69
N VAL C 233 -1.18 49.74 7.70
CA VAL C 233 -1.14 51.15 8.02
C VAL C 233 -0.46 51.32 9.38
N LYS C 234 -0.11 50.20 10.04
CA LYS C 234 0.56 50.26 11.33
C LYS C 234 1.51 49.10 11.61
N GLU C 235 2.79 49.41 11.87
CA GLU C 235 3.78 48.37 12.26
C GLU C 235 4.35 48.51 13.68
N ASN C 236 3.95 47.58 14.55
CA ASN C 236 4.46 47.48 15.91
C ASN C 236 4.22 48.76 16.68
N GLY C 237 3.08 49.38 16.39
CA GLY C 237 2.72 50.65 17.04
C GLY C 237 3.05 51.91 16.27
N ALA C 238 3.78 51.79 15.15
CA ALA C 238 4.19 52.97 14.37
C ALA C 238 3.36 53.20 13.10
N LYS C 239 3.42 54.44 12.59
CA LYS C 239 2.72 54.91 11.40
C LYS C 239 1.24 54.79 11.60
N SER D 1 4.49 -42.71 -1.17
CA SER D 1 3.05 -43.10 -1.12
C SER D 1 2.50 -43.34 -2.52
N ARG D 2 1.27 -43.82 -2.64
CA ARG D 2 0.62 -43.86 -3.93
C ARG D 2 0.41 -42.44 -4.47
N SER D 3 -0.16 -41.57 -3.64
CA SER D 3 -0.40 -40.17 -4.03
C SER D 3 0.87 -39.43 -4.41
N ALA D 4 1.99 -39.80 -3.80
CA ALA D 4 3.27 -39.26 -4.24
C ALA D 4 3.64 -39.80 -5.61
N GLU D 5 3.25 -41.03 -5.92
CA GLU D 5 3.61 -41.61 -7.22
C GLU D 5 2.84 -40.86 -8.26
N ILE D 6 1.54 -40.70 -8.01
CA ILE D 6 0.63 -40.04 -8.96
C ILE D 6 1.01 -38.56 -9.20
N MET D 7 1.54 -37.91 -8.17
CA MET D 7 1.80 -36.47 -8.25
C MET D 7 3.29 -36.16 -8.45
N LYS D 8 4.04 -37.13 -8.96
CA LYS D 8 5.50 -36.97 -9.13
C LYS D 8 5.86 -35.70 -9.88
N HIS D 9 5.05 -35.34 -10.88
CA HIS D 9 5.43 -34.26 -11.76
C HIS D 9 4.71 -32.95 -11.49
N GLY D 10 3.96 -32.92 -10.39
CA GLY D 10 3.35 -31.70 -9.91
C GLY D 10 1.84 -31.69 -9.69
N TYR D 11 1.41 -30.84 -8.76
CA TYR D 11 0.01 -30.55 -8.54
C TYR D 11 -0.43 -29.41 -9.47
N PRO D 12 -1.45 -29.66 -10.29
CA PRO D 12 -1.98 -28.57 -11.10
C PRO D 12 -2.44 -27.36 -10.25
N GLY D 13 -2.94 -27.61 -9.05
CA GLY D 13 -3.41 -26.59 -8.11
C GLY D 13 -3.50 -27.26 -6.74
N PHE D 14 -4.07 -26.55 -5.75
CA PHE D 14 -4.09 -27.09 -4.38
C PHE D 14 -5.42 -26.90 -3.72
N THR D 15 -6.45 -26.70 -4.56
CA THR D 15 -7.77 -26.35 -4.07
C THR D 15 -8.60 -27.60 -3.79
N ASN D 16 -9.00 -27.77 -2.53
CA ASN D 16 -9.88 -28.86 -2.10
C ASN D 16 -9.39 -30.23 -2.61
N VAL D 17 -8.17 -30.58 -2.28
CA VAL D 17 -7.56 -31.78 -2.80
C VAL D 17 -8.04 -33.01 -2.05
N ARG D 18 -8.36 -34.08 -2.77
CA ARG D 18 -8.62 -35.38 -2.18
C ARG D 18 -7.73 -36.41 -2.79
N THR D 19 -7.02 -37.15 -1.96
CA THR D 19 -6.28 -38.30 -2.47
C THR D 19 -7.14 -39.55 -2.24
N TYR D 20 -7.60 -40.14 -3.32
CA TYR D 20 -8.34 -41.38 -3.24
C TYR D 20 -7.37 -42.56 -3.30
N GLU D 21 -7.87 -43.77 -3.46
CA GLU D 21 -6.97 -44.91 -3.42
C GLU D 21 -6.02 -44.89 -4.61
N ASP D 22 -6.54 -44.55 -5.78
CA ASP D 22 -5.73 -44.62 -6.99
C ASP D 22 -5.84 -43.40 -7.91
N PHE D 23 -6.53 -42.36 -7.49
CA PHE D 23 -6.42 -41.08 -8.19
C PHE D 23 -6.44 -39.87 -7.26
N VAL D 24 -5.93 -38.73 -7.73
CA VAL D 24 -5.99 -37.50 -6.94
C VAL D 24 -6.97 -36.50 -7.59
N LEU D 25 -7.66 -35.70 -6.80
CA LEU D 25 -8.67 -34.82 -7.34
C LEU D 25 -8.67 -33.48 -6.61
N SER D 26 -8.97 -32.42 -7.36
CA SER D 26 -9.25 -31.10 -6.79
C SER D 26 -10.67 -30.71 -7.14
N TYR D 27 -11.47 -30.50 -6.10
CA TYR D 27 -12.89 -30.18 -6.21
C TYR D 27 -13.16 -28.67 -6.22
N ASP D 28 -14.13 -28.26 -7.04
CA ASP D 28 -14.47 -26.84 -7.13
C ASP D 28 -15.85 -26.70 -6.50
N TYR D 29 -15.89 -25.98 -5.37
CA TYR D 29 -17.10 -25.80 -4.58
C TYR D 29 -18.13 -25.03 -5.38
N LYS D 30 -17.68 -24.23 -6.32
CA LYS D 30 -18.56 -23.32 -7.03
C LYS D 30 -19.24 -24.04 -8.23
N THR D 31 -18.44 -24.74 -9.04
CA THR D 31 -18.98 -25.45 -10.20
C THR D 31 -19.63 -26.77 -9.80
N ARG D 32 -19.34 -27.22 -8.57
CA ARG D 32 -19.90 -28.46 -8.03
C ARG D 32 -19.38 -29.65 -8.82
N THR D 33 -18.22 -29.45 -9.40
CA THR D 33 -17.46 -30.54 -10.02
C THR D 33 -15.95 -30.27 -9.86
N ALA D 34 -15.11 -31.03 -10.55
CA ALA D 34 -13.66 -30.99 -10.31
C ALA D 34 -12.91 -29.89 -11.04
N HIS D 35 -11.80 -29.40 -10.46
CA HIS D 35 -10.85 -28.58 -11.23
C HIS D 35 -10.03 -29.46 -12.14
N TRP D 36 -9.49 -30.52 -11.55
CA TRP D 36 -8.67 -31.49 -12.24
C TRP D 36 -8.64 -32.82 -11.45
N VAL D 37 -8.28 -33.87 -12.15
CA VAL D 37 -7.85 -35.10 -11.51
C VAL D 37 -6.51 -35.50 -12.13
N CYS D 38 -5.71 -36.22 -11.38
CA CYS D 38 -4.48 -36.73 -11.91
C CYS D 38 -4.42 -38.24 -11.70
N GLU D 39 -3.97 -38.94 -12.73
CA GLU D 39 -3.89 -40.41 -12.73
C GLU D 39 -2.47 -40.90 -13.07
N HIS D 40 -2.11 -42.06 -12.55
CA HIS D 40 -0.82 -42.66 -12.88
C HIS D 40 -1.06 -44.05 -13.39
N LEU D 41 -0.55 -44.34 -14.58
CA LEU D 41 -0.59 -45.69 -15.14
C LEU D 41 0.79 -46.36 -15.36
N THR D 42 0.82 -47.67 -15.09
CA THR D 42 1.86 -48.58 -15.61
C THR D 42 1.18 -49.66 -16.47
N PRO D 43 1.98 -50.38 -17.30
CA PRO D 43 1.46 -51.52 -18.05
C PRO D 43 0.97 -52.58 -17.10
N GLU D 44 1.70 -52.70 -16.00
CA GLU D 44 1.31 -53.55 -14.89
C GLU D 44 -0.11 -53.23 -14.33
N ARG D 45 -0.41 -51.94 -14.19
CA ARG D 45 -1.66 -51.50 -13.54
C ARG D 45 -2.83 -51.50 -14.49
N LEU D 46 -2.56 -51.70 -15.77
CA LEU D 46 -3.66 -51.80 -16.74
C LEU D 46 -4.16 -53.23 -16.91
N LYS D 47 -3.50 -54.17 -16.23
CA LYS D 47 -4.06 -55.51 -16.15
C LYS D 47 -5.04 -55.66 -15.00
N HIS D 48 -6.21 -56.20 -15.34
CA HIS D 48 -7.29 -56.37 -14.39
C HIS D 48 -6.86 -57.30 -13.26
N ALA D 49 -7.19 -56.92 -12.05
CA ALA D 49 -7.08 -57.78 -10.88
C ALA D 49 -8.37 -58.59 -10.66
N GLU D 50 -8.32 -59.51 -9.71
CA GLU D 50 -9.35 -60.51 -9.56
C GLU D 50 -10.40 -60.13 -8.51
N GLY D 51 -11.68 -60.29 -8.86
CA GLY D 51 -12.80 -59.99 -7.94
C GLY D 51 -13.30 -58.55 -7.98
N VAL D 52 -13.09 -57.87 -9.11
CA VAL D 52 -13.48 -56.48 -9.29
C VAL D 52 -14.67 -56.35 -10.26
N ASP D 53 -15.78 -55.82 -9.77
CA ASP D 53 -17.04 -55.86 -10.53
C ASP D 53 -17.82 -54.53 -10.56
N ARG D 54 -17.92 -53.95 -11.74
CA ARG D 54 -18.51 -52.61 -11.84
C ARG D 54 -20.01 -52.56 -11.63
N LYS D 55 -20.66 -53.72 -11.57
CA LYS D 55 -22.11 -53.74 -11.42
C LYS D 55 -22.45 -53.23 -10.05
N LEU D 56 -21.44 -53.28 -9.18
CA LEU D 56 -21.65 -52.95 -7.79
C LEU D 56 -21.41 -51.48 -7.48
N CYS D 57 -20.83 -50.75 -8.43
CA CYS D 57 -20.47 -49.35 -8.23
C CYS D 57 -21.68 -48.45 -8.20
N GLU D 58 -21.73 -47.53 -7.24
CA GLU D 58 -22.87 -46.63 -7.06
C GLU D 58 -22.46 -45.21 -7.41
N PHE D 59 -23.28 -44.50 -8.17
CA PHE D 59 -23.08 -43.06 -8.26
C PHE D 59 -23.48 -42.48 -6.90
N LYS D 60 -22.52 -41.91 -6.17
CA LYS D 60 -22.78 -41.24 -4.88
C LYS D 60 -21.83 -40.05 -4.65
N PRO D 61 -22.28 -39.02 -3.90
CA PRO D 61 -21.37 -37.90 -3.60
C PRO D 61 -20.23 -38.31 -2.64
N ASP D 62 -19.12 -37.58 -2.68
CA ASP D 62 -18.08 -37.72 -1.70
C ASP D 62 -18.51 -36.84 -0.54
N ILE D 63 -18.88 -37.46 0.58
CA ILE D 63 -19.49 -36.71 1.67
C ILE D 63 -18.45 -36.02 2.58
N THR D 64 -17.16 -36.21 2.27
CA THR D 64 -16.12 -35.50 3.01
C THR D 64 -16.09 -34.00 2.65
N PHE D 65 -16.80 -33.61 1.60
CA PHE D 65 -16.98 -32.20 1.31
C PHE D 65 -18.22 -31.71 2.01
N PRO D 66 -18.19 -30.42 2.42
CA PRO D 66 -19.36 -29.82 3.09
C PRO D 66 -20.62 -30.05 2.27
N LYS D 67 -21.68 -30.55 2.90
CA LYS D 67 -22.90 -30.87 2.18
C LYS D 67 -23.39 -29.71 1.29
N LYS D 68 -23.06 -28.47 1.66
CA LYS D 68 -23.61 -27.26 0.99
C LYS D 68 -22.95 -27.05 -0.35
N PHE D 69 -21.84 -27.77 -0.57
CA PHE D 69 -21.09 -27.75 -1.84
C PHE D 69 -21.15 -29.06 -2.65
N LEU D 70 -22.13 -29.91 -2.37
CA LEU D 70 -22.20 -31.21 -3.04
C LEU D 70 -23.18 -31.21 -4.22
N SER D 71 -22.81 -31.93 -5.27
CA SER D 71 -23.76 -32.27 -6.33
C SER D 71 -24.49 -33.52 -5.89
N GLN D 72 -25.68 -33.71 -6.41
CA GLN D 72 -26.41 -34.94 -6.09
C GLN D 72 -26.91 -35.63 -7.38
N ASN D 73 -27.23 -36.92 -7.31
CA ASN D 73 -27.81 -37.59 -8.48
C ASN D 73 -29.07 -36.88 -9.04
N THR D 74 -29.86 -36.24 -8.18
CA THR D 74 -31.05 -35.52 -8.64
C THR D 74 -30.64 -34.42 -9.59
N ASP D 75 -29.41 -33.94 -9.48
CA ASP D 75 -28.93 -32.81 -10.29
C ASP D 75 -28.75 -33.22 -11.74
N TYR D 76 -28.32 -34.47 -11.94
CA TYR D 76 -28.12 -35.02 -13.24
C TYR D 76 -29.41 -35.69 -13.79
N LYS D 77 -30.36 -35.98 -12.90
CA LYS D 77 -31.67 -36.61 -13.24
C LYS D 77 -32.41 -35.81 -14.29
N CYS D 78 -32.69 -36.45 -15.43
CA CYS D 78 -33.41 -35.78 -16.55
C CYS D 78 -32.83 -34.39 -16.91
N SER D 79 -31.50 -34.31 -16.93
CA SER D 79 -30.83 -33.09 -17.26
C SER D 79 -30.46 -33.12 -18.73
N GLY D 80 -30.48 -34.31 -19.34
CA GLY D 80 -30.05 -34.47 -20.73
C GLY D 80 -28.57 -34.78 -20.77
N PHE D 81 -27.98 -34.97 -19.59
CA PHE D 81 -26.56 -35.18 -19.48
C PHE D 81 -26.21 -36.47 -18.71
N ASP D 82 -25.10 -37.08 -19.08
CA ASP D 82 -24.56 -38.20 -18.37
C ASP D 82 -23.68 -37.69 -17.25
N ARG D 83 -23.51 -38.53 -16.24
CA ARG D 83 -22.47 -38.33 -15.29
C ARG D 83 -21.19 -38.88 -15.90
N GLY D 84 -20.32 -37.96 -16.34
CA GLY D 84 -19.11 -38.31 -17.04
C GLY D 84 -17.97 -38.28 -16.08
N HIS D 85 -17.33 -39.43 -15.92
CA HIS D 85 -16.23 -39.53 -15.00
C HIS D 85 -14.96 -38.94 -15.60
N LEU D 86 -14.20 -38.20 -14.80
CA LEU D 86 -12.97 -37.58 -15.29
C LEU D 86 -11.82 -38.53 -15.13
N ALA D 87 -11.64 -39.08 -13.93
CA ALA D 87 -10.83 -40.28 -13.74
C ALA D 87 -11.70 -41.49 -14.17
N ALA D 88 -11.38 -42.12 -15.30
CA ALA D 88 -12.28 -43.14 -15.88
C ALA D 88 -12.16 -44.48 -15.17
N ALA D 89 -13.30 -45.15 -14.97
CA ALA D 89 -13.30 -46.44 -14.26
C ALA D 89 -12.32 -47.41 -14.92
N GLY D 90 -12.29 -47.38 -16.25
CA GLY D 90 -11.33 -48.14 -17.00
C GLY D 90 -9.87 -48.01 -16.63
N ASN D 91 -9.47 -46.92 -15.95
CA ASN D 91 -8.05 -46.65 -15.63
C ASN D 91 -7.66 -47.28 -14.32
N HIS D 92 -8.66 -47.80 -13.60
CA HIS D 92 -8.45 -48.22 -12.21
C HIS D 92 -8.97 -49.64 -11.93
N ARG D 93 -8.12 -50.61 -12.30
CA ARG D 93 -8.53 -52.03 -12.34
C ARG D 93 -8.01 -52.90 -11.15
N LYS D 94 -7.26 -52.28 -10.24
CA LYS D 94 -6.55 -53.04 -9.20
C LYS D 94 -7.34 -53.45 -7.94
N SER D 95 -8.46 -52.79 -7.66
CA SER D 95 -9.24 -53.11 -6.48
C SER D 95 -10.67 -52.65 -6.67
N GLN D 96 -11.55 -53.16 -5.81
CA GLN D 96 -12.97 -52.79 -5.82
C GLN D 96 -13.18 -51.35 -5.33
N LEU D 97 -12.39 -50.94 -4.34
CA LEU D 97 -12.51 -49.57 -3.79
C LEU D 97 -12.01 -48.54 -4.79
N ALA D 98 -10.90 -48.87 -5.43
CA ALA D 98 -10.30 -48.05 -6.49
C ALA D 98 -11.31 -47.63 -7.55
N VAL D 99 -11.94 -48.62 -8.17
CA VAL D 99 -12.95 -48.36 -9.16
C VAL D 99 -14.26 -47.80 -8.54
N ASP D 100 -14.50 -48.09 -7.26
CA ASP D 100 -15.69 -47.57 -6.60
C ASP D 100 -15.64 -46.07 -6.44
N GLN D 101 -14.43 -45.56 -6.19
CA GLN D 101 -14.22 -44.14 -5.95
C GLN D 101 -14.36 -43.30 -7.24
N THR D 102 -14.12 -43.91 -8.39
CA THR D 102 -14.31 -43.19 -9.66
C THR D 102 -15.77 -42.77 -9.84
N PHE D 103 -16.68 -43.35 -9.04
CA PHE D 103 -18.12 -43.08 -9.14
C PHE D 103 -18.65 -42.04 -8.19
N TYR D 104 -17.75 -41.44 -7.41
CA TYR D 104 -18.10 -40.28 -6.59
C TYR D 104 -18.41 -39.11 -7.49
N LEU D 105 -19.40 -38.32 -7.10
CA LEU D 105 -19.88 -37.23 -7.95
C LEU D 105 -18.86 -36.07 -8.09
N SER D 106 -17.85 -36.11 -7.23
CA SER D 106 -16.77 -35.20 -7.24
C SER D 106 -15.94 -35.45 -8.50
N ASN D 107 -16.00 -36.66 -9.03
CA ASN D 107 -15.31 -37.05 -10.27
C ASN D 107 -16.24 -36.98 -11.47
N MET D 108 -17.41 -36.35 -11.33
CA MET D 108 -18.41 -36.36 -12.39
C MET D 108 -18.62 -34.97 -12.89
N SER D 109 -18.74 -34.82 -14.20
CA SER D 109 -19.13 -33.56 -14.82
C SER D 109 -20.29 -33.85 -15.78
N PRO D 110 -21.24 -32.94 -15.87
CA PRO D 110 -22.30 -33.11 -16.85
C PRO D 110 -21.72 -33.23 -18.24
N GLN D 111 -21.84 -34.40 -18.86
CA GLN D 111 -21.31 -34.56 -20.22
C GLN D 111 -22.43 -34.90 -21.20
N VAL D 112 -22.24 -34.54 -22.45
CA VAL D 112 -23.09 -35.02 -23.53
C VAL D 112 -22.87 -36.55 -23.66
N GLY D 113 -24.01 -37.28 -23.76
CA GLY D 113 -24.02 -38.74 -23.76
C GLY D 113 -23.75 -39.37 -25.11
N ARG D 114 -24.77 -39.34 -25.98
CA ARG D 114 -24.61 -39.81 -27.38
C ARG D 114 -23.70 -38.85 -28.13
N GLY D 115 -22.54 -39.31 -28.56
CA GLY D 115 -21.66 -38.47 -29.37
C GLY D 115 -20.46 -37.94 -28.65
N PHE D 116 -20.46 -37.97 -27.33
CA PHE D 116 -19.31 -37.48 -26.60
C PHE D 116 -18.78 -38.46 -25.51
N ASN D 117 -19.49 -38.53 -24.39
CA ASN D 117 -19.05 -39.35 -23.27
C ASN D 117 -18.96 -40.82 -23.62
N ARG D 118 -19.96 -41.27 -24.40
CA ARG D 118 -20.13 -42.69 -24.72
C ARG D 118 -19.33 -43.10 -25.92
N ASP D 119 -18.86 -42.10 -26.67
CA ASP D 119 -18.23 -42.35 -27.95
C ASP D 119 -16.84 -41.71 -28.10
N LYS D 120 -16.74 -40.44 -28.45
CA LYS D 120 -15.45 -39.85 -28.87
C LYS D 120 -14.55 -39.67 -27.69
N TRP D 121 -15.13 -39.18 -26.59
CA TRP D 121 -14.39 -38.94 -25.35
C TRP D 121 -13.84 -40.28 -24.86
N ASN D 122 -14.64 -41.33 -25.05
CA ASN D 122 -14.22 -42.69 -24.73
C ASN D 122 -13.04 -43.11 -25.62
N ASP D 123 -13.12 -42.78 -26.90
CA ASP D 123 -12.03 -43.08 -27.83
C ASP D 123 -10.72 -42.55 -27.28
N LEU D 124 -10.77 -41.35 -26.71
CA LEU D 124 -9.58 -40.71 -26.21
C LEU D 124 -9.10 -41.41 -24.95
N GLU D 125 -10.03 -41.88 -24.14
CA GLU D 125 -9.64 -42.68 -22.98
C GLU D 125 -8.97 -43.98 -23.42
N MET D 126 -9.58 -44.65 -24.39
CA MET D 126 -9.05 -45.88 -24.92
C MET D 126 -7.69 -45.63 -25.50
N HIS D 127 -7.57 -44.55 -26.26
CA HIS D 127 -6.28 -44.21 -26.82
C HIS D 127 -5.17 -44.15 -25.77
N CYS D 128 -5.49 -43.55 -24.63
CA CYS D 128 -4.47 -43.25 -23.64
C CYS D 128 -3.98 -44.51 -22.98
N ARG D 129 -4.92 -45.43 -22.76
CA ARG D 129 -4.63 -46.71 -22.13
C ARG D 129 -3.76 -47.56 -23.08
N ARG D 130 -4.10 -47.53 -24.37
CA ARG D 130 -3.35 -48.26 -25.38
C ARG D 130 -1.90 -47.78 -25.36
N VAL D 131 -1.71 -46.47 -25.37
CA VAL D 131 -0.36 -45.94 -25.30
C VAL D 131 0.32 -46.23 -23.93
N ALA D 132 -0.42 -46.11 -22.83
CA ALA D 132 0.15 -46.36 -21.52
C ALA D 132 0.69 -47.77 -21.42
N LYS D 133 0.10 -48.67 -22.21
CA LYS D 133 0.51 -50.08 -22.22
C LYS D 133 1.92 -50.22 -22.80
N LYS D 134 2.37 -49.24 -23.57
CA LYS D 134 3.70 -49.28 -24.18
C LYS D 134 4.74 -48.38 -23.50
N MET D 135 4.34 -47.64 -22.47
CA MET D 135 5.26 -46.69 -21.80
C MET D 135 5.61 -47.19 -20.42
N ILE D 136 6.71 -46.67 -19.84
CA ILE D 136 7.14 -47.05 -18.50
C ILE D 136 6.13 -46.55 -17.45
N ASN D 137 5.85 -45.25 -17.54
CA ASN D 137 4.86 -44.57 -16.71
C ASN D 137 3.98 -43.72 -17.60
N SER D 138 2.77 -43.43 -17.13
CA SER D 138 1.88 -42.56 -17.86
C SER D 138 1.06 -41.71 -16.91
N TYR D 139 0.98 -40.40 -17.17
CA TYR D 139 0.28 -39.47 -16.29
C TYR D 139 -0.80 -38.70 -17.04
N ILE D 140 -2.04 -38.81 -16.59
CA ILE D 140 -3.15 -38.10 -17.25
C ILE D 140 -3.75 -37.08 -16.29
N ILE D 141 -3.89 -35.85 -16.77
CA ILE D 141 -4.63 -34.87 -16.04
C ILE D 141 -5.84 -34.63 -16.90
N THR D 142 -7.00 -34.68 -16.29
CA THR D 142 -8.22 -34.42 -17.00
C THR D 142 -8.94 -33.36 -16.21
N GLY D 143 -9.67 -32.50 -16.90
CA GLY D 143 -10.52 -31.54 -16.22
C GLY D 143 -11.50 -30.90 -17.18
N PRO D 144 -12.50 -30.17 -16.64
CA PRO D 144 -13.44 -29.38 -17.43
C PRO D 144 -12.85 -27.99 -17.74
N LEU D 145 -13.42 -27.32 -18.76
CA LEU D 145 -13.07 -25.97 -19.15
C LEU D 145 -14.34 -25.17 -19.37
N TYR D 146 -14.25 -23.86 -19.20
CA TYR D 146 -15.40 -23.00 -19.42
C TYR D 146 -14.93 -21.89 -20.37
N LEU D 147 -15.10 -22.15 -21.67
CA LEU D 147 -14.45 -21.30 -22.70
C LEU D 147 -15.30 -20.19 -23.36
N PRO D 148 -14.68 -19.03 -23.62
CA PRO D 148 -15.36 -17.86 -24.15
C PRO D 148 -15.64 -17.96 -25.63
N LYS D 149 -16.68 -17.30 -26.11
CA LYS D 149 -17.01 -17.22 -27.55
C LYS D 149 -17.26 -15.81 -27.92
N LEU D 150 -16.79 -15.41 -29.10
CA LEU D 150 -17.13 -14.08 -29.63
C LEU D 150 -18.59 -14.02 -30.07
N GLU D 151 -19.31 -12.96 -29.72
CA GLU D 151 -20.66 -12.78 -30.18
C GLU D 151 -20.79 -11.53 -31.04
N GLY D 152 -21.96 -11.38 -31.64
CA GLY D 152 -22.21 -10.34 -32.63
C GLY D 152 -22.08 -8.91 -32.14
N ASP D 153 -22.03 -8.72 -30.85
CA ASP D 153 -21.81 -7.39 -30.33
C ASP D 153 -20.30 -7.10 -30.33
N GLY D 154 -19.50 -8.11 -30.68
CA GLY D 154 -18.06 -7.96 -30.70
C GLY D 154 -17.41 -8.17 -29.35
N LYS D 155 -18.18 -8.69 -28.41
CA LYS D 155 -17.63 -8.97 -27.09
C LYS D 155 -17.58 -10.48 -26.90
N LYS D 156 -16.73 -10.95 -25.99
CA LYS D 156 -16.56 -12.38 -25.76
C LYS D 156 -17.26 -12.77 -24.44
N TYR D 157 -17.97 -13.88 -24.46
CA TYR D 157 -18.72 -14.29 -23.30
C TYR D 157 -18.44 -15.72 -22.99
N ILE D 158 -18.38 -16.03 -21.69
CA ILE D 158 -18.41 -17.43 -21.22
C ILE D 158 -19.85 -17.70 -20.87
N LYS D 159 -20.48 -18.65 -21.57
CA LYS D 159 -21.86 -19.02 -21.27
C LYS D 159 -21.87 -20.50 -21.07
N TYR D 160 -22.38 -20.96 -19.92
CA TYR D 160 -22.56 -22.40 -19.69
C TYR D 160 -23.81 -22.63 -18.88
N GLN D 161 -24.38 -23.81 -19.03
CA GLN D 161 -25.58 -24.16 -18.29
C GLN D 161 -25.22 -24.66 -16.90
N VAL D 162 -26.16 -24.52 -15.97
CA VAL D 162 -26.07 -25.15 -14.65
C VAL D 162 -27.35 -25.94 -14.43
N ILE D 163 -27.20 -27.16 -13.98
CA ILE D 163 -28.30 -28.09 -13.87
C ILE D 163 -28.61 -28.48 -12.44
N GLY D 164 -29.90 -28.72 -12.17
CA GLY D 164 -30.36 -29.17 -10.86
C GLY D 164 -30.51 -28.02 -9.89
N ASP D 165 -30.93 -28.34 -8.66
CA ASP D 165 -31.18 -27.33 -7.63
C ASP D 165 -29.84 -26.84 -7.08
N ASN D 166 -28.83 -27.70 -7.17
CA ASN D 166 -27.49 -27.38 -6.71
C ASN D 166 -26.63 -26.69 -7.76
N ASN D 167 -27.19 -26.46 -8.93
CA ASN D 167 -26.55 -25.67 -10.01
C ASN D 167 -25.21 -26.20 -10.40
N VAL D 168 -25.15 -27.45 -10.80
CA VAL D 168 -23.89 -28.04 -11.25
C VAL D 168 -23.56 -27.54 -12.66
N ALA D 169 -22.30 -27.19 -12.91
CA ALA D 169 -21.92 -26.54 -14.14
C ALA D 169 -21.77 -27.56 -15.22
N VAL D 170 -22.36 -27.26 -16.37
CA VAL D 170 -22.13 -28.01 -17.58
C VAL D 170 -20.98 -27.35 -18.36
N PRO D 171 -19.79 -27.98 -18.36
CA PRO D 171 -18.61 -27.43 -18.99
C PRO D 171 -18.86 -27.20 -20.46
N THR D 172 -18.10 -26.28 -21.06
CA THR D 172 -18.24 -26.04 -22.47
C THR D 172 -17.35 -27.03 -23.16
N HIS D 173 -16.25 -27.41 -22.52
CA HIS D 173 -15.24 -28.29 -23.10
C HIS D 173 -14.57 -29.05 -21.96
N PHE D 174 -13.75 -30.05 -22.34
CA PHE D 174 -12.94 -30.80 -21.39
C PHE D 174 -11.51 -30.85 -21.90
N PHE D 175 -10.55 -30.93 -20.99
CA PHE D 175 -9.18 -31.11 -21.42
C PHE D 175 -8.64 -32.44 -20.97
N LYS D 176 -7.65 -32.92 -21.71
CA LYS D 176 -6.89 -34.10 -21.30
C LYS D 176 -5.41 -33.93 -21.66
N VAL D 177 -4.54 -33.99 -20.67
CA VAL D 177 -3.11 -33.95 -20.94
C VAL D 177 -2.51 -35.24 -20.45
N ALA D 178 -1.79 -35.92 -21.31
CA ALA D 178 -1.19 -37.19 -20.99
C ALA D 178 0.31 -37.10 -21.16
N LEU D 179 1.02 -37.64 -20.18
CA LEU D 179 2.48 -37.61 -20.18
C LEU D 179 2.99 -39.03 -20.17
N PHE D 180 3.62 -39.43 -21.28
CA PHE D 180 4.12 -40.78 -21.44
C PHE D 180 5.66 -40.87 -21.31
N GLU D 181 6.14 -41.68 -20.37
CA GLU D 181 7.58 -41.88 -20.21
C GLU D 181 7.97 -42.98 -21.16
N VAL D 182 8.50 -42.59 -22.30
CA VAL D 182 8.91 -43.56 -23.30
C VAL D 182 10.22 -44.24 -22.89
N THR D 183 11.17 -43.47 -22.36
CA THR D 183 12.41 -44.00 -21.74
C THR D 183 12.67 -43.26 -20.43
N PRO D 184 13.49 -43.82 -19.54
CA PRO D 184 13.73 -43.17 -18.24
C PRO D 184 14.15 -41.70 -18.38
N GLY D 185 13.24 -40.79 -18.00
CA GLY D 185 13.52 -39.37 -18.01
C GLY D 185 13.31 -38.75 -19.36
N LYS D 186 12.66 -39.48 -20.25
CA LYS D 186 12.31 -38.90 -21.53
C LYS D 186 10.81 -39.08 -21.74
N PHE D 187 10.10 -38.02 -22.17
CA PHE D 187 8.64 -38.02 -22.17
C PHE D 187 7.97 -37.64 -23.48
N GLU D 188 6.85 -38.29 -23.77
CA GLU D 188 6.04 -37.93 -24.92
C GLU D 188 4.76 -37.26 -24.40
N LEU D 189 4.53 -36.01 -24.79
CA LEU D 189 3.44 -35.24 -24.24
C LEU D 189 2.30 -35.03 -25.25
N GLU D 190 1.06 -35.20 -24.79
CA GLU D 190 -0.08 -35.03 -25.69
C GLU D 190 -1.20 -34.27 -24.98
N SER D 191 -1.71 -33.22 -25.63
CA SER D 191 -2.69 -32.33 -24.99
C SER D 191 -3.88 -32.14 -25.87
N TYR D 192 -5.07 -32.31 -25.29
CA TYR D 192 -6.31 -32.26 -26.07
C TYR D 192 -7.30 -31.32 -25.43
N ILE D 193 -8.15 -30.71 -26.25
CA ILE D 193 -9.35 -30.02 -25.81
C ILE D 193 -10.50 -30.42 -26.71
N LEU D 194 -11.52 -31.04 -26.12
CA LEU D 194 -12.71 -31.40 -26.87
C LEU D 194 -13.90 -30.64 -26.35
N PRO D 195 -14.82 -30.24 -27.24
CA PRO D 195 -16.08 -29.58 -26.88
C PRO D 195 -17.05 -30.57 -26.25
N ASN D 196 -17.84 -30.08 -25.32
CA ASN D 196 -18.82 -30.91 -24.66
C ASN D 196 -20.10 -30.78 -25.49
N ALA D 197 -20.05 -31.38 -26.66
CA ALA D 197 -21.17 -31.46 -27.60
C ALA D 197 -21.04 -32.74 -28.47
N VAL D 198 -22.03 -32.99 -29.35
CA VAL D 198 -21.98 -34.16 -30.24
C VAL D 198 -20.79 -34.04 -31.19
N ILE D 199 -19.94 -35.05 -31.21
CA ILE D 199 -18.81 -35.10 -32.12
C ILE D 199 -18.96 -36.27 -33.09
N GLU D 200 -18.52 -36.02 -34.31
CA GLU D 200 -18.66 -36.94 -35.42
C GLU D 200 -17.67 -38.05 -35.21
N ASP D 201 -18.19 -39.28 -35.21
CA ASP D 201 -17.38 -40.50 -35.06
C ASP D 201 -16.16 -40.61 -35.99
N THR D 202 -16.25 -40.00 -37.17
CA THR D 202 -15.20 -40.05 -38.19
C THR D 202 -13.95 -39.28 -37.78
N VAL D 203 -14.18 -38.19 -37.02
CA VAL D 203 -13.18 -37.17 -36.67
C VAL D 203 -12.11 -37.73 -35.73
N GLU D 204 -10.86 -37.75 -36.18
CA GLU D 204 -9.75 -38.29 -35.36
C GLU D 204 -9.43 -37.43 -34.11
N ILE D 205 -8.98 -38.08 -33.04
CA ILE D 205 -8.72 -37.38 -31.77
C ILE D 205 -7.67 -36.28 -31.89
N SER D 206 -6.69 -36.49 -32.76
CA SER D 206 -5.55 -35.61 -32.99
C SER D 206 -5.96 -34.27 -33.57
N LYS D 207 -7.19 -34.18 -34.07
CA LYS D 207 -7.73 -32.88 -34.46
C LYS D 207 -8.06 -31.99 -33.26
N PHE D 208 -7.96 -32.56 -32.06
CA PHE D 208 -8.14 -31.79 -30.83
C PHE D 208 -6.84 -31.41 -30.13
N HIS D 209 -5.71 -31.77 -30.75
CA HIS D 209 -4.38 -31.36 -30.30
C HIS D 209 -4.33 -29.88 -30.05
N VAL D 210 -3.79 -29.50 -28.91
CA VAL D 210 -3.58 -28.10 -28.57
C VAL D 210 -2.25 -28.00 -27.85
N PRO D 211 -1.64 -26.81 -27.87
CA PRO D 211 -0.41 -26.66 -27.08
C PRO D 211 -0.71 -26.76 -25.58
N LEU D 212 0.24 -27.31 -24.80
CA LEU D 212 0.05 -27.40 -23.36
C LEU D 212 -0.20 -26.01 -22.74
N ASP D 213 0.53 -25.00 -23.20
CA ASP D 213 0.33 -23.64 -22.71
C ASP D 213 -1.14 -23.19 -22.85
N ALA D 214 -1.85 -23.72 -23.86
CA ALA D 214 -3.20 -23.26 -24.13
C ALA D 214 -4.18 -23.80 -23.12
N VAL D 215 -3.92 -25.01 -22.63
CA VAL D 215 -4.78 -25.61 -21.63
C VAL D 215 -4.66 -24.87 -20.29
N GLU D 216 -3.41 -24.67 -19.89
CA GLU D 216 -3.05 -23.94 -18.69
C GLU D 216 -3.80 -22.60 -18.57
N ARG D 217 -3.77 -21.82 -19.63
CA ARG D 217 -4.38 -20.51 -19.66
C ARG D 217 -5.89 -20.61 -19.61
N SER D 218 -6.46 -21.60 -20.28
CA SER D 218 -7.91 -21.79 -20.26
C SER D 218 -8.38 -22.37 -18.93
N ALA D 219 -7.55 -23.22 -18.33
CA ALA D 219 -7.90 -23.88 -17.07
C ALA D 219 -7.46 -23.14 -15.79
N GLY D 220 -6.43 -22.31 -15.89
CA GLY D 220 -5.91 -21.63 -14.72
C GLY D 220 -5.11 -22.63 -13.89
N LEU D 221 -4.35 -23.47 -14.56
CA LEU D 221 -3.61 -24.53 -13.88
C LEU D 221 -2.19 -24.56 -14.36
N GLU D 222 -1.31 -25.04 -13.49
CA GLU D 222 0.06 -25.35 -13.84
C GLU D 222 0.18 -26.84 -14.02
N ILE D 223 0.32 -27.29 -15.26
CA ILE D 223 0.35 -28.73 -15.56
C ILE D 223 1.78 -29.18 -15.83
N PHE D 224 2.19 -30.23 -15.11
CA PHE D 224 3.54 -30.75 -15.17
C PHE D 224 4.56 -29.63 -15.04
N ALA D 225 4.41 -28.83 -13.98
CA ALA D 225 5.27 -27.68 -13.69
C ALA D 225 6.68 -28.11 -13.35
N ARG D 226 6.78 -29.17 -12.52
CA ARG D 226 8.06 -29.71 -12.07
C ARG D 226 8.91 -30.28 -13.19
N LEU D 227 8.26 -30.80 -14.23
CA LEU D 227 8.96 -31.38 -15.36
C LEU D 227 9.97 -30.40 -15.96
N ASP D 228 11.16 -30.93 -16.25
CA ASP D 228 12.16 -30.24 -17.05
C ASP D 228 11.83 -30.47 -18.53
N PRO D 229 11.57 -29.38 -19.30
CA PRO D 229 11.12 -29.52 -20.71
C PRO D 229 12.11 -30.25 -21.62
N LYS D 230 13.38 -30.23 -21.24
CA LYS D 230 14.36 -31.05 -21.93
C LYS D 230 14.03 -32.55 -21.94
N SER D 231 13.20 -33.00 -21.00
CA SER D 231 12.72 -34.38 -20.98
C SER D 231 11.67 -34.66 -22.02
N ILE D 232 11.07 -33.62 -22.58
CA ILE D 232 10.04 -33.85 -23.59
C ILE D 232 10.71 -34.08 -24.92
N VAL D 233 10.52 -35.26 -25.49
CA VAL D 233 11.12 -35.60 -26.78
C VAL D 233 10.09 -35.58 -27.89
N LYS D 234 8.84 -35.35 -27.51
CA LYS D 234 7.74 -35.37 -28.47
C LYS D 234 6.56 -34.60 -27.90
N GLU D 235 5.97 -33.73 -28.72
CA GLU D 235 4.87 -32.88 -28.30
C GLU D 235 3.79 -32.96 -29.32
N ASN D 236 2.64 -33.48 -28.92
CA ASN D 236 1.52 -33.64 -29.84
C ASN D 236 1.92 -34.36 -31.12
N GLY D 237 2.80 -35.36 -31.01
CA GLY D 237 3.24 -36.17 -32.15
C GLY D 237 4.44 -35.65 -32.94
N ALA D 238 4.98 -34.49 -32.53
CA ALA D 238 6.04 -33.81 -33.27
C ALA D 238 7.38 -33.96 -32.54
N LYS D 239 8.48 -33.97 -33.32
CA LYS D 239 9.84 -34.21 -32.84
C LYS D 239 9.90 -35.60 -32.24
MG MG E . 31.32 16.02 -2.12
MG MG F . -14.42 0.78 -6.30
MG MG G . -0.03 28.20 27.21
MG MG H . -17.06 -41.82 -19.57
#